data_7KY2
#
_entry.id   7KY2
#
_cell.length_a   39.029
_cell.length_b   56.985
_cell.length_c   192.136
_cell.angle_alpha   90.000
_cell.angle_beta   90.260
_cell.angle_gamma   90.000
#
_symmetry.space_group_name_H-M   'P 1 21 1'
#
loop_
_entity.id
_entity.type
_entity.pdbx_description
1 polymer Bont/A1
2 non-polymer 'ZINC ION'
3 water water
#
_entity_poly.entity_id   1
_entity_poly.type   'polypeptide(L)'
_entity_poly.pdbx_seq_one_letter_code
;HHHHHHMQFVNKQFNYKDPVNGVDIAYIKIPNAGQMQPVKAFKIHNKIWVIPERDTFTNPEEGDLNPPPEAKQVPVSYYD
STYLSTDNEKDNYLKGVTKLFERIYSTDLGRMLLTSIVRGIPFWGGSTIDTELKVIDTNCINVIQPDGSYRSEELNLVII
GPSADIIQFECKSFGHEVLNLTRNGYGSTQYIRFSPDFTFGFEESLEVDTNPLLGAGKFATDPAVTLAHELIHAGHRLYG
IAINPNRVFKVNTNAYYEMSGLEVSFEELRTFGGHDAKFIDSLQENEFRLYYYNKFKDIASTLNKAKSIVGTTASLQYMK
NVFKEKYLLSEDTSGKFSVDKLKFDKLYKMLTEIYTEDNFVKFFKVLNRKTYLNFDKAVFKINIVPKVNYTIYDGFNLRN
TNLAANFNGQNTEINNMNFTKLKNFT
;
_entity_poly.pdbx_strand_id   A,B
#
loop_
_chem_comp.id
_chem_comp.type
_chem_comp.name
_chem_comp.formula
ZN non-polymer 'ZINC ION' 'Zn 2'
#
# COMPACT_ATOMS: atom_id res chain seq x y z
N HIS A 6 8.16 -27.97 14.52
CA HIS A 6 7.53 -26.74 14.11
C HIS A 6 6.14 -26.69 14.74
N MET A 7 5.38 -25.67 14.32
CA MET A 7 4.12 -25.17 14.91
C MET A 7 2.99 -26.19 14.73
N GLN A 8 1.78 -25.78 15.07
CA GLN A 8 0.55 -26.47 14.63
C GLN A 8 -0.61 -25.47 14.45
N PHE A 9 -0.94 -24.67 15.46
CA PHE A 9 -2.08 -23.72 15.28
C PHE A 9 -1.61 -22.56 14.39
N VAL A 10 -0.50 -21.94 14.78
CA VAL A 10 0.01 -20.74 14.07
C VAL A 10 0.85 -21.22 12.89
N ASN A 11 0.40 -20.96 11.67
CA ASN A 11 0.88 -21.59 10.42
C ASN A 11 2.40 -21.45 10.29
N LYS A 12 2.92 -20.26 10.54
CA LYS A 12 4.35 -19.90 10.36
C LYS A 12 4.84 -19.13 11.59
N GLN A 13 6.14 -18.85 11.67
CA GLN A 13 6.66 -17.97 12.75
C GLN A 13 6.89 -16.57 12.19
N PHE A 14 5.90 -15.72 12.45
CA PHE A 14 5.86 -14.28 12.06
C PHE A 14 6.83 -13.52 12.95
N ASN A 15 7.60 -12.68 12.29
CA ASN A 15 8.38 -11.59 12.91
C ASN A 15 7.73 -10.29 12.44
N TYR A 16 7.65 -9.28 13.27
CA TYR A 16 7.06 -7.99 12.87
C TYR A 16 7.88 -7.38 11.73
N LYS A 17 9.15 -7.75 11.59
CA LYS A 17 10.03 -7.27 10.49
C LYS A 17 9.54 -7.84 9.17
N ASP A 18 8.83 -8.97 9.24
CA ASP A 18 8.41 -9.77 8.08
C ASP A 18 7.69 -8.88 7.05
N PRO A 19 7.96 -9.08 5.75
CA PRO A 19 7.43 -8.23 4.71
C PRO A 19 5.95 -8.51 4.44
N VAL A 20 5.20 -7.44 4.31
CA VAL A 20 3.77 -7.49 3.89
C VAL A 20 3.74 -8.34 2.64
N ASN A 21 2.76 -9.22 2.57
CA ASN A 21 2.48 -10.09 1.39
C ASN A 21 1.01 -9.95 0.96
N GLY A 22 0.21 -9.19 1.69
CA GLY A 22 -1.22 -8.96 1.39
C GLY A 22 -2.16 -10.09 1.78
N VAL A 23 -1.67 -11.22 2.32
CA VAL A 23 -2.50 -12.43 2.64
C VAL A 23 -2.41 -12.79 4.12
N ASP A 24 -1.21 -12.99 4.67
CA ASP A 24 -1.12 -13.21 6.14
C ASP A 24 -0.33 -12.09 6.81
N ILE A 25 0.44 -11.31 6.07
CA ILE A 25 1.04 -10.08 6.63
C ILE A 25 0.52 -8.90 5.84
N ALA A 26 -0.19 -7.97 6.46
CA ALA A 26 -0.98 -6.99 5.71
C ALA A 26 -1.22 -5.72 6.51
N TYR A 27 -1.47 -4.63 5.83
CA TYR A 27 -2.03 -3.44 6.48
C TYR A 27 -3.53 -3.48 6.28
N ILE A 28 -4.27 -3.20 7.33
CA ILE A 28 -5.73 -3.39 7.29
C ILE A 28 -6.43 -2.13 7.79
N LYS A 29 -7.73 -2.06 7.56
CA LYS A 29 -8.58 -1.05 8.18
C LYS A 29 -9.69 -1.75 8.94
N ILE A 30 -9.81 -1.39 10.18
CA ILE A 30 -10.95 -1.86 10.98
C ILE A 30 -12.13 -1.09 10.43
N PRO A 31 -13.21 -1.79 10.05
CA PRO A 31 -14.35 -1.15 9.41
C PRO A 31 -14.95 -0.06 10.29
N MET A 36 -9.40 6.88 9.58
CA MET A 36 -8.77 5.64 10.08
C MET A 36 -7.51 5.39 9.23
N GLN A 37 -6.42 4.86 9.82
CA GLN A 37 -5.14 4.62 9.10
C GLN A 37 -4.66 3.19 9.32
N PRO A 38 -3.84 2.64 8.41
CA PRO A 38 -3.65 1.20 8.40
C PRO A 38 -2.72 0.73 9.53
N VAL A 39 -2.88 -0.55 9.88
CA VAL A 39 -2.05 -1.29 10.86
C VAL A 39 -1.64 -2.62 10.26
N LYS A 40 -0.36 -2.94 10.43
CA LYS A 40 0.16 -4.27 10.09
C LYS A 40 -0.59 -5.29 10.95
N ALA A 41 -1.00 -6.37 10.31
CA ALA A 41 -1.79 -7.42 10.94
C ALA A 41 -1.26 -8.75 10.45
N PHE A 42 -1.40 -9.74 11.29
CA PHE A 42 -0.78 -11.05 11.07
C PHE A 42 -1.89 -12.07 11.23
N LYS A 43 -2.06 -12.84 10.18
CA LYS A 43 -3.03 -13.93 10.06
C LYS A 43 -2.36 -15.18 10.55
N ILE A 44 -2.45 -15.39 11.84
CA ILE A 44 -1.74 -16.52 12.49
C ILE A 44 -2.38 -17.86 12.10
N HIS A 45 -3.64 -17.82 11.74
CA HIS A 45 -4.45 -19.01 11.44
C HIS A 45 -5.69 -18.55 10.69
N ASN A 46 -6.29 -19.46 9.94
CA ASN A 46 -7.50 -19.23 9.13
C ASN A 46 -8.50 -18.56 10.06
N LYS A 47 -8.97 -17.41 9.60
CA LYS A 47 -10.04 -16.58 10.22
C LYS A 47 -9.56 -15.81 11.43
N ILE A 48 -8.30 -15.92 11.83
CA ILE A 48 -7.80 -15.28 13.08
C ILE A 48 -6.62 -14.37 12.78
N TRP A 49 -6.75 -13.10 13.09
CA TRP A 49 -5.67 -12.13 12.84
C TRP A 49 -5.14 -11.64 14.18
N VAL A 50 -3.91 -11.17 14.20
CA VAL A 50 -3.36 -10.43 15.38
C VAL A 50 -2.89 -9.03 14.98
N ILE A 51 -3.38 -8.03 15.67
CA ILE A 51 -2.95 -6.63 15.48
C ILE A 51 -2.16 -6.26 16.72
N PRO A 52 -0.80 -6.19 16.61
CA PRO A 52 0.07 -5.76 17.68
C PRO A 52 0.16 -4.24 17.80
N GLU A 53 -0.98 -3.60 17.96
CA GLU A 53 -1.04 -2.18 18.31
C GLU A 53 -1.94 -2.08 19.52
N ARG A 54 -1.83 -0.98 20.23
CA ARG A 54 -2.82 -0.58 21.23
C ARG A 54 -4.08 -0.25 20.45
N ASP A 55 -5.24 -0.60 20.99
CA ASP A 55 -6.53 -0.48 20.31
C ASP A 55 -7.07 0.94 20.43
N THR A 56 -6.73 1.77 19.43
CA THR A 56 -7.27 3.15 19.30
C THR A 56 -8.47 3.19 18.35
N PHE A 57 -8.85 2.04 17.78
CA PHE A 57 -9.69 1.98 16.56
C PHE A 57 -11.12 1.45 16.79
N THR A 58 -11.30 0.41 17.61
CA THR A 58 -12.61 -0.27 17.77
C THR A 58 -13.62 0.68 18.44
N ASN A 59 -13.14 1.66 19.20
CA ASN A 59 -14.00 2.70 19.82
C ASN A 59 -13.70 4.04 19.16
N PRO A 60 -14.72 4.70 18.56
CA PRO A 60 -14.54 6.04 17.98
C PRO A 60 -14.22 7.06 19.07
N GLU A 61 -14.90 6.97 20.20
CA GLU A 61 -14.63 7.80 21.40
C GLU A 61 -13.22 7.44 21.90
N GLU A 62 -12.98 6.21 22.35
CA GLU A 62 -11.72 5.80 23.02
C GLU A 62 -10.57 5.79 21.99
N GLY A 63 -10.21 6.97 21.47
CA GLY A 63 -9.17 7.16 20.45
C GLY A 63 -7.81 7.59 20.99
N ASP A 64 -7.59 7.50 22.31
CA ASP A 64 -6.37 7.96 23.02
C ASP A 64 -5.95 6.97 24.11
N LEU A 65 -4.78 7.19 24.69
CA LEU A 65 -4.19 6.33 25.75
C LEU A 65 -3.91 7.14 27.04
N ASN A 66 -4.38 8.39 27.10
CA ASN A 66 -4.12 9.33 28.23
C ASN A 66 -4.98 8.89 29.40
N PRO A 67 -4.38 8.68 30.59
CA PRO A 67 -5.15 8.34 31.77
C PRO A 67 -6.28 9.32 32.01
N PRO A 68 -7.45 8.85 32.51
CA PRO A 68 -8.59 9.71 32.79
C PRO A 68 -8.33 10.78 33.87
N VAL A 74 -12.51 2.10 38.54
CA VAL A 74 -11.81 0.79 38.42
C VAL A 74 -10.77 0.70 39.55
N PRO A 75 -10.75 -0.41 40.31
CA PRO A 75 -9.93 -0.49 41.52
C PRO A 75 -8.47 -0.73 41.11
N VAL A 76 -8.23 -1.77 40.30
CA VAL A 76 -6.91 -2.05 39.69
C VAL A 76 -6.95 -1.70 38.19
N SER A 77 -5.99 -0.87 37.80
CA SER A 77 -5.86 -0.21 36.49
C SER A 77 -4.36 -0.09 36.22
N TYR A 78 -3.91 0.04 34.98
CA TYR A 78 -2.49 0.35 34.70
C TYR A 78 -2.35 1.06 33.35
N TYR A 79 -1.83 2.27 33.39
CA TYR A 79 -1.73 3.21 32.26
C TYR A 79 -0.27 3.53 31.95
N ASP A 80 0.11 3.22 30.72
CA ASP A 80 1.41 3.58 30.12
C ASP A 80 1.21 3.78 28.62
N SER A 81 1.19 5.03 28.20
CA SER A 81 0.93 5.47 26.81
C SER A 81 1.98 4.90 25.85
N THR A 82 3.11 4.40 26.34
CA THR A 82 4.26 4.01 25.49
C THR A 82 4.24 2.52 25.20
N TYR A 83 3.42 1.77 25.93
CA TYR A 83 3.39 0.30 25.79
C TYR A 83 2.94 -0.07 24.38
N LEU A 84 3.62 -1.04 23.80
CA LEU A 84 3.35 -1.56 22.43
C LEU A 84 3.67 -0.54 21.33
N SER A 85 4.71 0.28 21.52
CA SER A 85 5.12 1.38 20.62
C SER A 85 6.29 0.98 19.71
N THR A 86 7.28 0.28 20.22
CA THR A 86 8.47 -0.12 19.45
C THR A 86 8.20 -1.46 18.76
N ASP A 87 8.70 -1.62 17.54
CA ASP A 87 8.64 -2.89 16.78
C ASP A 87 9.22 -4.01 17.65
N ASN A 88 10.07 -3.69 18.62
CA ASN A 88 10.66 -4.68 19.57
C ASN A 88 9.53 -5.18 20.47
N GLU A 89 8.65 -4.27 20.90
CA GLU A 89 7.47 -4.62 21.73
C GLU A 89 6.53 -5.43 20.83
N LYS A 90 6.22 -4.95 19.64
CA LYS A 90 5.20 -5.52 18.74
C LYS A 90 5.57 -6.95 18.28
N ASP A 91 6.82 -7.19 17.92
CA ASP A 91 7.29 -8.56 17.61
C ASP A 91 7.10 -9.41 18.86
N ASN A 92 7.42 -8.88 20.03
CA ASN A 92 7.29 -9.65 21.29
C ASN A 92 5.80 -9.91 21.55
N TYR A 93 4.98 -8.88 21.46
CA TYR A 93 3.53 -8.97 21.70
C TYR A 93 2.98 -10.09 20.82
N LEU A 94 3.34 -10.06 19.56
CA LEU A 94 2.92 -11.07 18.55
C LEU A 94 3.37 -12.46 19.00
N LYS A 95 4.65 -12.62 19.32
CA LYS A 95 5.21 -13.93 19.72
C LYS A 95 4.57 -14.40 21.03
N GLY A 96 4.01 -13.48 21.80
CA GLY A 96 3.38 -13.84 23.08
C GLY A 96 2.03 -14.47 22.81
N VAL A 97 1.17 -13.74 22.10
CA VAL A 97 -0.18 -14.19 21.63
C VAL A 97 -0.03 -15.50 20.85
N THR A 98 1.03 -15.60 20.09
CA THR A 98 1.28 -16.76 19.25
C THR A 98 1.53 -17.91 20.22
N LYS A 99 2.36 -17.65 21.21
CA LYS A 99 2.84 -18.74 22.09
C LYS A 99 1.67 -19.12 22.95
N LEU A 100 0.92 -18.14 23.37
CA LEU A 100 -0.31 -18.38 24.14
C LEU A 100 -1.34 -19.08 23.27
N PHE A 101 -1.35 -18.86 21.96
CA PHE A 101 -2.31 -19.58 21.11
C PHE A 101 -1.93 -21.05 21.10
N GLU A 102 -0.65 -21.32 21.02
CA GLU A 102 -0.12 -22.69 20.90
C GLU A 102 -0.39 -23.45 22.20
N ARG A 103 -0.26 -22.78 23.32
CA ARG A 103 -0.42 -23.39 24.65
C ARG A 103 -1.88 -23.84 24.75
N ILE A 104 -2.79 -22.96 24.43
CA ILE A 104 -4.25 -23.24 24.56
C ILE A 104 -4.61 -24.36 23.58
N TYR A 105 -4.04 -24.35 22.39
CA TYR A 105 -4.27 -25.39 21.35
C TYR A 105 -3.64 -26.73 21.77
N SER A 106 -2.63 -26.70 22.64
CA SER A 106 -1.89 -27.91 23.08
C SER A 106 -2.79 -28.76 23.99
N THR A 107 -3.92 -28.20 24.40
CA THR A 107 -4.96 -28.91 25.20
C THR A 107 -6.09 -29.46 24.32
N ASP A 108 -6.75 -30.53 24.77
CA ASP A 108 -7.89 -31.15 24.07
C ASP A 108 -9.01 -30.13 24.17
N LEU A 109 -9.14 -29.52 25.33
CA LEU A 109 -10.13 -28.43 25.55
C LEU A 109 -9.86 -27.24 24.61
N GLY A 110 -8.64 -26.71 24.63
CA GLY A 110 -8.28 -25.52 23.83
C GLY A 110 -8.31 -25.83 22.36
N ARG A 111 -8.01 -27.07 21.96
CA ARG A 111 -8.08 -27.47 20.53
C ARG A 111 -9.53 -27.42 20.05
N MET A 112 -10.44 -27.96 20.84
CA MET A 112 -11.87 -28.08 20.47
C MET A 112 -12.46 -26.69 20.39
N LEU A 113 -12.14 -25.82 21.33
CA LEU A 113 -12.68 -24.44 21.37
C LEU A 113 -12.11 -23.62 20.20
N LEU A 114 -10.82 -23.70 19.92
CA LEU A 114 -10.28 -22.97 18.76
C LEU A 114 -10.98 -23.45 17.49
N THR A 115 -11.37 -24.72 17.40
CA THR A 115 -12.01 -25.28 16.19
C THR A 115 -13.45 -24.72 16.13
N SER A 116 -14.13 -24.61 17.27
CA SER A 116 -15.50 -24.08 17.31
C SER A 116 -15.39 -22.62 16.85
N ILE A 117 -14.35 -21.94 17.30
CA ILE A 117 -14.07 -20.52 16.97
C ILE A 117 -13.76 -20.42 15.46
N VAL A 118 -12.91 -21.27 14.91
CA VAL A 118 -12.59 -21.17 13.45
C VAL A 118 -13.84 -21.48 12.60
N ARG A 119 -14.65 -22.42 13.07
CA ARG A 119 -15.90 -22.83 12.43
C ARG A 119 -16.93 -21.71 12.51
N GLY A 120 -16.98 -21.01 13.63
CA GLY A 120 -18.05 -20.09 14.02
C GLY A 120 -18.18 -18.86 13.14
N ILE A 121 -18.07 -19.04 11.83
CA ILE A 121 -18.16 -17.92 10.85
C ILE A 121 -19.46 -17.17 11.13
N PRO A 122 -19.36 -15.82 11.23
CA PRO A 122 -20.51 -14.99 11.42
C PRO A 122 -21.50 -15.12 10.25
N PHE A 123 -22.79 -15.23 10.59
CA PHE A 123 -23.89 -15.47 9.61
C PHE A 123 -24.06 -14.28 8.65
N TRP A 124 -24.51 -14.64 7.43
CA TRP A 124 -24.86 -13.70 6.32
C TRP A 124 -26.33 -13.30 6.46
N GLY A 125 -26.59 -12.42 7.42
CA GLY A 125 -27.91 -11.82 7.66
C GLY A 125 -27.91 -10.35 7.34
N GLY A 126 -27.11 -9.94 6.37
CA GLY A 126 -26.88 -8.51 6.05
C GLY A 126 -27.99 -7.84 5.27
N SER A 127 -28.69 -8.56 4.39
CA SER A 127 -29.54 -7.96 3.33
C SER A 127 -30.92 -7.62 3.87
N THR A 128 -31.45 -6.45 3.50
CA THR A 128 -32.85 -6.06 3.81
C THR A 128 -33.76 -7.15 3.22
N ILE A 129 -33.34 -7.63 2.06
CA ILE A 129 -34.06 -8.57 1.19
C ILE A 129 -34.09 -9.94 1.88
N ASP A 130 -35.29 -10.50 1.96
CA ASP A 130 -35.67 -11.72 2.69
C ASP A 130 -35.09 -12.95 1.98
N THR A 131 -34.96 -12.91 0.64
CA THR A 131 -34.51 -14.06 -0.21
C THR A 131 -32.98 -14.11 -0.28
N GLU A 132 -32.31 -13.05 0.15
CA GLU A 132 -30.90 -12.77 -0.21
C GLU A 132 -29.98 -13.00 0.99
N LEU A 133 -28.87 -13.69 0.75
CA LEU A 133 -27.72 -13.83 1.69
C LEU A 133 -26.72 -12.71 1.33
N LYS A 134 -26.24 -12.04 2.33
CA LYS A 134 -25.16 -11.03 2.20
C LYS A 134 -24.33 -10.98 3.48
N VAL A 135 -23.07 -10.66 3.32
CA VAL A 135 -22.21 -10.46 4.50
C VAL A 135 -22.59 -9.14 5.11
N ILE A 136 -22.36 -9.05 6.41
CA ILE A 136 -22.42 -7.80 7.21
C ILE A 136 -21.02 -7.20 7.16
N ASP A 137 -20.93 -5.96 6.73
CA ASP A 137 -19.69 -5.22 6.48
C ASP A 137 -18.72 -5.36 7.67
N THR A 138 -19.22 -5.32 8.90
CA THR A 138 -18.41 -5.26 10.15
C THR A 138 -17.71 -6.58 10.48
N ASN A 139 -18.20 -7.67 9.91
CA ASN A 139 -17.63 -9.04 9.99
C ASN A 139 -16.52 -9.17 8.96
N CYS A 140 -16.03 -8.05 8.47
CA CYS A 140 -14.87 -8.00 7.57
C CYS A 140 -13.78 -7.05 8.13
N ILE A 141 -12.60 -7.16 7.55
CA ILE A 141 -11.57 -6.09 7.59
C ILE A 141 -11.25 -5.80 6.13
N ASN A 142 -10.78 -4.60 5.85
CA ASN A 142 -10.27 -4.23 4.51
C ASN A 142 -8.77 -4.52 4.49
N VAL A 143 -8.32 -5.36 3.58
CA VAL A 143 -6.90 -5.77 3.52
C VAL A 143 -6.25 -5.17 2.27
N ILE A 144 -5.26 -4.29 2.48
CA ILE A 144 -4.50 -3.59 1.41
C ILE A 144 -3.50 -4.58 0.81
N GLN A 145 -3.71 -4.88 -0.47
CA GLN A 145 -2.92 -5.86 -1.24
C GLN A 145 -1.74 -5.12 -1.89
N PRO A 146 -0.56 -5.78 -1.98
CA PRO A 146 0.72 -5.09 -2.19
C PRO A 146 0.69 -4.02 -3.29
N ASP A 147 -0.21 -4.21 -4.27
CA ASP A 147 -0.36 -3.31 -5.44
C ASP A 147 -1.07 -2.02 -4.99
N GLY A 148 -1.31 -1.85 -3.70
CA GLY A 148 -1.79 -0.56 -3.12
C GLY A 148 -3.30 -0.40 -3.20
N SER A 149 -4.03 -1.52 -3.30
CA SER A 149 -5.52 -1.56 -3.31
C SER A 149 -6.03 -2.44 -2.17
N TYR A 150 -7.32 -2.27 -1.84
CA TYR A 150 -7.97 -2.85 -0.64
C TYR A 150 -9.07 -3.82 -1.10
N ARG A 151 -9.12 -4.97 -0.45
CA ARG A 151 -10.15 -6.02 -0.64
C ARG A 151 -10.60 -6.51 0.75
N SER A 152 -11.90 -6.43 1.02
CA SER A 152 -12.57 -6.95 2.23
C SER A 152 -12.37 -8.47 2.36
N GLU A 153 -12.01 -8.89 3.57
CA GLU A 153 -11.75 -10.28 3.96
C GLU A 153 -12.55 -10.59 5.23
N GLU A 154 -13.26 -11.69 5.25
CA GLU A 154 -13.99 -12.07 6.47
C GLU A 154 -12.99 -12.71 7.45
N LEU A 155 -13.23 -12.47 8.72
CA LEU A 155 -12.48 -13.08 9.83
C LEU A 155 -13.42 -13.33 10.99
N ASN A 156 -13.01 -14.20 11.89
CA ASN A 156 -13.84 -14.53 13.08
C ASN A 156 -13.31 -13.77 14.31
N LEU A 157 -12.02 -13.55 14.36
CA LEU A 157 -11.32 -13.16 15.61
C LEU A 157 -10.13 -12.25 15.35
N VAL A 158 -10.11 -11.19 16.13
CA VAL A 158 -8.93 -10.30 16.21
C VAL A 158 -8.44 -10.25 17.66
N ILE A 159 -7.24 -10.71 17.85
CA ILE A 159 -6.48 -10.37 19.05
C ILE A 159 -5.73 -9.09 18.78
N ILE A 160 -6.06 -8.09 19.57
CA ILE A 160 -5.46 -6.76 19.51
C ILE A 160 -5.02 -6.38 20.91
N GLY A 161 -3.99 -5.57 20.97
CA GLY A 161 -3.49 -4.93 22.19
C GLY A 161 -4.52 -4.02 22.83
N PRO A 162 -4.35 -3.75 24.13
CA PRO A 162 -5.25 -2.91 24.89
C PRO A 162 -5.34 -1.44 24.48
N SER A 163 -6.38 -0.78 24.93
CA SER A 163 -6.55 0.69 24.87
C SER A 163 -5.84 1.32 26.08
N ALA A 164 -6.31 2.44 26.62
CA ALA A 164 -5.56 3.19 27.65
C ALA A 164 -5.21 2.28 28.83
N ASP A 165 -6.23 1.74 29.49
CA ASP A 165 -6.03 0.83 30.64
C ASP A 165 -5.47 -0.45 30.07
N ILE A 166 -4.21 -0.68 30.36
CA ILE A 166 -3.42 -1.77 29.75
C ILE A 166 -4.02 -3.11 30.13
N ILE A 167 -4.53 -3.24 31.33
CA ILE A 167 -5.00 -4.56 31.86
C ILE A 167 -6.52 -4.69 31.71
N GLN A 168 -7.18 -3.84 30.92
CA GLN A 168 -8.65 -3.91 30.70
C GLN A 168 -8.88 -4.86 29.54
N PHE A 169 -8.91 -6.15 29.83
CA PHE A 169 -9.11 -7.18 28.79
C PHE A 169 -10.61 -7.41 28.55
N GLU A 170 -10.97 -7.49 27.29
CA GLU A 170 -12.39 -7.64 26.89
C GLU A 170 -12.52 -8.26 25.48
N CYS A 171 -13.74 -8.60 25.16
CA CYS A 171 -14.19 -9.14 23.87
C CYS A 171 -15.36 -8.31 23.38
N LYS A 172 -15.10 -7.51 22.35
CA LYS A 172 -16.18 -6.74 21.72
C LYS A 172 -16.28 -6.91 20.19
N SER A 173 -17.36 -6.36 19.69
CA SER A 173 -17.90 -6.63 18.37
C SER A 173 -18.78 -5.45 17.93
N PHE A 174 -18.63 -5.08 16.67
CA PHE A 174 -19.49 -4.09 16.01
C PHE A 174 -20.90 -4.65 15.97
N GLY A 175 -21.83 -3.79 16.34
CA GLY A 175 -23.27 -4.06 16.41
C GLY A 175 -23.97 -3.82 15.09
N HIS A 176 -25.28 -4.07 15.11
CA HIS A 176 -26.22 -3.96 13.97
C HIS A 176 -27.31 -2.95 14.36
N GLU A 177 -27.77 -2.15 13.40
CA GLU A 177 -28.81 -1.12 13.64
C GLU A 177 -30.07 -1.76 14.24
N VAL A 178 -30.35 -3.05 13.98
CA VAL A 178 -31.59 -3.74 14.44
C VAL A 178 -31.26 -5.05 15.19
N LEU A 179 -30.20 -5.75 14.79
CA LEU A 179 -29.88 -7.12 15.23
C LEU A 179 -28.89 -7.11 16.39
N ASN A 180 -29.09 -8.02 17.33
CA ASN A 180 -28.19 -8.34 18.45
C ASN A 180 -27.39 -9.53 17.98
N LEU A 181 -26.36 -9.27 17.20
CA LEU A 181 -25.58 -10.30 16.47
C LEU A 181 -25.07 -11.38 17.42
N THR A 182 -24.59 -10.99 18.60
CA THR A 182 -23.93 -11.92 19.55
C THR A 182 -25.01 -12.66 20.34
N ARG A 183 -26.27 -12.41 20.07
CA ARG A 183 -27.37 -12.91 20.92
C ARG A 183 -28.59 -13.40 20.13
N ASN A 184 -28.60 -13.30 18.80
CA ASN A 184 -29.73 -13.75 17.95
C ASN A 184 -29.35 -15.06 17.23
N GLY A 185 -28.18 -15.58 17.52
CA GLY A 185 -27.60 -16.73 16.81
C GLY A 185 -26.72 -16.36 15.62
N TYR A 186 -26.85 -15.14 15.13
CA TYR A 186 -26.10 -14.73 13.93
C TYR A 186 -24.62 -14.84 14.25
N GLY A 187 -24.19 -14.13 15.29
CA GLY A 187 -22.76 -13.99 15.59
C GLY A 187 -22.15 -12.85 14.82
N SER A 188 -20.95 -12.47 15.24
CA SER A 188 -20.24 -11.23 14.80
C SER A 188 -18.76 -11.42 15.04
N THR A 189 -17.99 -10.73 14.23
CA THR A 189 -16.53 -10.75 14.32
C THR A 189 -16.15 -10.27 15.72
N GLN A 190 -15.17 -10.93 16.31
CA GLN A 190 -14.84 -10.70 17.72
C GLN A 190 -13.45 -10.10 17.81
N TYR A 191 -13.33 -9.07 18.65
CA TYR A 191 -12.09 -8.32 18.92
C TYR A 191 -11.78 -8.48 20.39
N ILE A 192 -10.60 -9.00 20.68
CA ILE A 192 -10.11 -9.12 22.07
C ILE A 192 -8.96 -8.15 22.28
N ARG A 193 -9.13 -7.13 23.11
CA ARG A 193 -8.06 -6.35 23.76
C ARG A 193 -7.35 -7.24 24.76
N PHE A 194 -6.13 -7.59 24.49
CA PHE A 194 -5.39 -8.57 25.30
C PHE A 194 -3.88 -8.26 25.25
N SER A 195 -3.22 -8.55 26.35
CA SER A 195 -1.76 -8.39 26.44
C SER A 195 -1.17 -9.63 27.08
N PRO A 196 -0.17 -10.23 26.42
CA PRO A 196 0.64 -11.30 26.96
C PRO A 196 1.83 -10.69 27.71
N ASP A 197 1.79 -9.37 27.89
CA ASP A 197 2.92 -8.57 28.42
C ASP A 197 2.65 -8.20 29.89
N PHE A 198 1.47 -8.47 30.37
CA PHE A 198 1.10 -8.18 31.78
C PHE A 198 0.30 -9.36 32.30
N THR A 199 0.34 -9.51 33.60
CA THR A 199 -0.49 -10.48 34.34
C THR A 199 -0.88 -9.86 35.67
N PHE A 200 -1.97 -10.34 36.24
CA PHE A 200 -2.44 -9.82 37.54
C PHE A 200 -2.16 -10.89 38.60
N GLY A 201 -1.98 -10.39 39.81
CA GLY A 201 -1.86 -11.24 41.01
C GLY A 201 -3.25 -11.54 41.49
N PHE A 202 -3.43 -12.73 42.04
CA PHE A 202 -4.68 -13.19 42.68
C PHE A 202 -4.21 -13.81 43.99
N GLU A 203 -5.05 -14.50 44.76
CA GLU A 203 -4.49 -15.28 45.89
C GLU A 203 -5.24 -16.57 46.21
N GLU A 204 -4.42 -17.53 46.62
CA GLU A 204 -4.72 -18.82 47.29
C GLU A 204 -3.47 -19.24 48.07
N SER A 205 -3.66 -19.68 49.32
CA SER A 205 -2.54 -20.09 50.19
C SER A 205 -2.33 -21.60 50.17
N LEU A 206 -2.36 -22.22 48.99
CA LEU A 206 -2.09 -23.68 48.80
C LEU A 206 -3.02 -24.55 49.65
N GLU A 207 -2.51 -25.71 50.08
CA GLU A 207 -3.29 -26.68 50.90
C GLU A 207 -2.91 -26.54 52.37
N ASN A 211 1.08 -28.26 55.25
CA ASN A 211 1.06 -26.99 54.47
C ASN A 211 -0.34 -26.40 54.52
N PRO A 212 -0.93 -26.16 55.71
CA PRO A 212 -2.28 -25.60 55.81
C PRO A 212 -2.40 -24.14 55.37
N LEU A 213 -1.55 -23.26 55.89
CA LEU A 213 -1.67 -21.83 55.54
C LEU A 213 -0.27 -21.21 55.38
N LEU A 214 0.05 -20.72 54.17
CA LEU A 214 1.32 -20.00 53.98
C LEU A 214 0.98 -18.52 53.83
N GLY A 215 0.14 -18.01 54.73
CA GLY A 215 -0.27 -16.60 54.82
C GLY A 215 -0.73 -15.94 53.53
N ALA A 216 -0.48 -14.64 53.42
CA ALA A 216 -0.89 -13.86 52.24
C ALA A 216 0.29 -13.69 51.29
N GLY A 217 0.42 -14.63 50.34
CA GLY A 217 1.43 -14.60 49.27
C GLY A 217 0.79 -13.98 48.07
N LYS A 218 1.52 -13.78 46.97
CA LYS A 218 0.90 -13.29 45.71
C LYS A 218 1.30 -14.22 44.56
N PHE A 219 0.34 -14.97 44.06
CA PHE A 219 0.51 -15.84 42.88
C PHE A 219 0.12 -15.00 41.67
N ALA A 220 0.62 -15.35 40.50
CA ALA A 220 0.27 -14.68 39.24
C ALA A 220 -0.59 -15.59 38.37
N THR A 221 -1.63 -14.99 37.76
CA THR A 221 -2.46 -15.64 36.70
C THR A 221 -1.59 -16.01 35.50
N ASP A 222 -1.58 -17.28 35.10
CA ASP A 222 -1.09 -17.70 33.77
C ASP A 222 -1.90 -16.97 32.70
N PRO A 223 -1.31 -16.07 31.91
CA PRO A 223 -2.09 -15.30 30.95
C PRO A 223 -2.73 -16.18 29.86
N ALA A 224 -2.36 -17.45 29.74
CA ALA A 224 -3.07 -18.41 28.86
C ALA A 224 -4.49 -18.60 29.35
N VAL A 225 -4.70 -18.44 30.64
CA VAL A 225 -6.06 -18.52 31.22
C VAL A 225 -6.76 -17.23 30.91
N THR A 226 -6.05 -16.12 31.03
CA THR A 226 -6.65 -14.78 30.76
C THR A 226 -7.11 -14.81 29.30
N LEU A 227 -6.27 -15.31 28.42
CA LEU A 227 -6.62 -15.40 26.99
C LEU A 227 -7.77 -16.41 26.81
N ALA A 228 -7.71 -17.57 27.43
CA ALA A 228 -8.77 -18.61 27.30
C ALA A 228 -10.14 -18.03 27.60
N HIS A 229 -10.19 -17.22 28.63
CA HIS A 229 -11.44 -16.57 29.12
C HIS A 229 -12.11 -15.81 27.97
N GLU A 230 -11.35 -14.98 27.29
CA GLU A 230 -11.87 -14.03 26.29
C GLU A 230 -12.25 -14.82 25.03
N LEU A 231 -11.56 -15.89 24.73
CA LEU A 231 -11.89 -16.80 23.59
C LEU A 231 -13.25 -17.47 23.82
N ILE A 232 -13.54 -17.82 25.07
CA ILE A 232 -14.81 -18.49 25.46
C ILE A 232 -15.95 -17.49 25.24
N HIS A 233 -15.74 -16.22 25.65
CA HIS A 233 -16.64 -15.10 25.28
C HIS A 233 -16.72 -15.01 23.76
N ALA A 234 -15.57 -15.11 23.11
CA ALA A 234 -15.49 -14.94 21.66
C ALA A 234 -16.32 -16.06 21.06
N GLY A 235 -16.19 -17.27 21.57
CA GLY A 235 -16.97 -18.41 21.07
C GLY A 235 -18.45 -18.19 21.29
N HIS A 236 -18.82 -17.78 22.49
CA HIS A 236 -20.23 -17.46 22.81
C HIS A 236 -20.75 -16.49 21.76
N ARG A 237 -20.04 -15.38 21.56
CA ARG A 237 -20.52 -14.23 20.75
C ARG A 237 -20.48 -14.56 19.24
N LEU A 238 -19.69 -15.54 18.87
CA LEU A 238 -19.56 -16.05 17.48
C LEU A 238 -20.76 -16.91 17.11
N TYR A 239 -21.38 -17.53 18.08
CA TYR A 239 -22.51 -18.45 17.84
C TYR A 239 -23.79 -17.75 18.22
N GLY A 240 -23.67 -16.47 18.55
CA GLY A 240 -24.81 -15.58 18.82
C GLY A 240 -25.67 -16.08 19.96
N ILE A 241 -25.01 -16.57 21.00
CA ILE A 241 -25.62 -17.24 22.16
C ILE A 241 -25.16 -16.57 23.45
N ALA A 242 -24.73 -15.33 23.34
CA ALA A 242 -24.27 -14.52 24.47
C ALA A 242 -25.50 -14.19 25.28
N ILE A 243 -25.30 -14.02 26.58
CA ILE A 243 -26.39 -13.65 27.50
C ILE A 243 -26.33 -12.13 27.63
N ASN A 244 -27.51 -11.52 27.64
CA ASN A 244 -27.64 -10.04 27.76
C ASN A 244 -26.90 -9.60 29.01
N PRO A 245 -25.96 -8.63 28.88
CA PRO A 245 -25.18 -8.12 30.01
C PRO A 245 -26.06 -7.59 31.15
N ASN A 246 -27.32 -7.33 30.82
CA ASN A 246 -28.45 -7.11 31.75
C ASN A 246 -28.49 -8.20 32.83
N ARG A 247 -28.29 -9.46 32.43
CA ARG A 247 -28.59 -10.63 33.28
C ARG A 247 -27.44 -10.77 34.28
N VAL A 248 -27.68 -10.42 35.54
CA VAL A 248 -26.61 -10.33 36.57
C VAL A 248 -27.00 -11.05 37.86
N PHE A 249 -26.11 -11.01 38.86
CA PHE A 249 -26.34 -11.56 40.22
C PHE A 249 -26.26 -10.41 41.25
N LYS A 250 -27.33 -10.27 42.02
CA LYS A 250 -27.60 -9.23 43.05
C LYS A 250 -26.34 -8.67 43.69
N GLU A 263 -22.56 -6.88 41.73
CA GLU A 263 -23.50 -7.36 40.68
C GLU A 263 -22.72 -8.00 39.52
N VAL A 264 -22.96 -9.28 39.25
CA VAL A 264 -22.09 -10.10 38.33
C VAL A 264 -22.88 -10.74 37.18
N SER A 265 -22.44 -10.38 35.98
CA SER A 265 -22.84 -10.90 34.64
C SER A 265 -23.08 -12.41 34.69
N PHE A 266 -24.24 -12.86 34.22
CA PHE A 266 -24.50 -14.28 33.86
C PHE A 266 -23.46 -14.79 32.87
N GLU A 267 -23.16 -14.00 31.84
CA GLU A 267 -22.19 -14.36 30.77
C GLU A 267 -20.81 -14.61 31.39
N GLU A 268 -20.41 -13.80 32.36
CA GLU A 268 -19.10 -14.01 33.03
C GLU A 268 -19.16 -15.25 33.91
N LEU A 269 -20.23 -15.42 34.66
CA LEU A 269 -20.37 -16.59 35.57
C LEU A 269 -20.33 -17.87 34.73
N ARG A 270 -21.03 -17.86 33.62
CA ARG A 270 -21.00 -18.99 32.66
C ARG A 270 -19.55 -19.19 32.26
N THR A 271 -18.93 -18.15 31.72
CA THR A 271 -17.57 -18.20 31.13
C THR A 271 -16.57 -18.71 32.18
N PHE A 272 -16.63 -18.22 33.41
CA PHE A 272 -15.71 -18.71 34.46
C PHE A 272 -15.99 -20.19 34.71
N GLY A 273 -17.25 -20.52 34.88
CA GLY A 273 -17.64 -21.91 35.16
C GLY A 273 -17.39 -22.31 36.60
N GLY A 274 -17.32 -23.61 36.83
CA GLY A 274 -17.06 -24.26 38.14
C GLY A 274 -18.10 -23.98 39.22
N HIS A 275 -17.62 -23.69 40.43
CA HIS A 275 -18.46 -23.49 41.64
C HIS A 275 -19.37 -22.29 41.42
N ASP A 276 -18.93 -21.37 40.57
CA ASP A 276 -19.66 -20.13 40.24
C ASP A 276 -20.83 -20.49 39.34
N ALA A 277 -20.59 -21.35 38.35
CA ALA A 277 -21.53 -21.79 37.28
C ALA A 277 -22.97 -22.04 37.71
N LYS A 278 -23.22 -22.58 38.90
CA LYS A 278 -24.63 -22.77 39.34
C LYS A 278 -25.08 -21.63 40.25
N PHE A 279 -24.52 -20.45 40.07
CA PHE A 279 -25.14 -19.24 40.68
C PHE A 279 -26.26 -18.88 39.70
N ILE A 280 -26.01 -19.14 38.41
CA ILE A 280 -27.03 -19.06 37.33
C ILE A 280 -27.94 -20.26 37.61
N ASP A 281 -29.22 -19.98 37.85
CA ASP A 281 -30.34 -20.91 38.12
C ASP A 281 -30.49 -21.77 36.87
N SER A 282 -30.72 -23.07 37.06
CA SER A 282 -31.05 -24.08 36.03
C SER A 282 -32.42 -23.71 35.42
N LEU A 283 -33.11 -22.75 36.02
CA LEU A 283 -34.35 -22.16 35.45
C LEU A 283 -33.98 -21.40 34.18
N GLN A 284 -33.26 -20.28 34.27
CA GLN A 284 -32.88 -19.41 33.11
C GLN A 284 -31.90 -20.19 32.21
N GLU A 285 -31.13 -21.12 32.78
CA GLU A 285 -30.20 -22.00 32.03
C GLU A 285 -30.99 -22.61 30.86
N ASN A 286 -32.20 -23.09 31.15
CA ASN A 286 -33.02 -23.92 30.24
C ASN A 286 -33.84 -23.03 29.31
N GLU A 287 -34.26 -21.83 29.74
CA GLU A 287 -34.97 -20.89 28.83
C GLU A 287 -33.93 -20.31 27.87
N PHE A 288 -32.70 -20.10 28.33
CA PHE A 288 -31.60 -19.57 27.51
C PHE A 288 -31.35 -20.59 26.40
N ARG A 289 -31.44 -21.87 26.73
CA ARG A 289 -31.07 -22.94 25.77
C ARG A 289 -32.12 -23.00 24.67
N LEU A 290 -33.39 -23.02 25.03
CA LEU A 290 -34.47 -23.21 24.04
C LEU A 290 -34.63 -21.93 23.22
N TYR A 291 -34.34 -20.75 23.79
CA TYR A 291 -34.35 -19.45 23.07
C TYR A 291 -33.37 -19.50 21.90
N TYR A 292 -32.21 -20.14 22.08
CA TYR A 292 -31.12 -20.19 21.06
C TYR A 292 -31.41 -21.30 20.04
N TYR A 293 -32.00 -22.40 20.49
CA TYR A 293 -32.55 -23.48 19.64
C TYR A 293 -33.48 -22.86 18.61
N ASN A 294 -34.27 -21.88 19.02
CA ASN A 294 -35.32 -21.27 18.17
C ASN A 294 -34.66 -20.27 17.21
N LYS A 295 -33.60 -19.61 17.68
CA LYS A 295 -32.86 -18.62 16.87
C LYS A 295 -31.99 -19.38 15.88
N PHE A 296 -31.69 -20.65 16.18
CA PHE A 296 -30.97 -21.54 15.24
C PHE A 296 -31.92 -21.89 14.10
N LYS A 297 -33.15 -22.30 14.44
CA LYS A 297 -34.22 -22.72 13.50
C LYS A 297 -34.59 -21.53 12.59
N ASP A 298 -34.83 -20.38 13.19
CA ASP A 298 -34.92 -19.09 12.46
C ASP A 298 -33.76 -18.99 11.44
N ILE A 299 -32.54 -19.38 11.83
CA ILE A 299 -31.36 -19.26 10.91
C ILE A 299 -31.43 -20.31 9.81
N ALA A 300 -31.86 -21.53 10.14
CA ALA A 300 -31.94 -22.65 9.16
C ALA A 300 -33.03 -22.39 8.12
N SER A 301 -34.05 -21.61 8.49
CA SER A 301 -35.13 -21.17 7.57
C SER A 301 -34.60 -20.05 6.69
N THR A 302 -33.82 -19.12 7.23
CA THR A 302 -33.27 -17.99 6.43
C THR A 302 -32.48 -18.58 5.27
N LEU A 303 -31.73 -19.65 5.51
CA LEU A 303 -30.90 -20.29 4.46
C LEU A 303 -31.82 -20.92 3.40
N ASN A 304 -32.68 -21.84 3.80
CA ASN A 304 -33.62 -22.54 2.89
C ASN A 304 -34.41 -21.52 2.06
N LYS A 305 -35.00 -20.52 2.71
CA LYS A 305 -35.77 -19.47 2.01
C LYS A 305 -34.84 -18.69 1.06
N ALA A 306 -33.52 -18.78 1.25
CA ALA A 306 -32.54 -18.00 0.48
C ALA A 306 -32.52 -18.50 -0.97
N LYS A 307 -32.44 -17.58 -1.90
CA LYS A 307 -32.42 -17.85 -3.36
C LYS A 307 -31.33 -17.02 -4.07
N SER A 308 -30.61 -16.19 -3.35
CA SER A 308 -29.57 -15.30 -3.90
C SER A 308 -28.42 -15.14 -2.92
N ILE A 309 -27.29 -14.64 -3.42
CA ILE A 309 -26.07 -14.35 -2.62
C ILE A 309 -25.33 -13.15 -3.22
N VAL A 310 -24.60 -12.38 -2.41
CA VAL A 310 -23.84 -11.19 -2.88
C VAL A 310 -22.34 -11.47 -2.77
N GLY A 311 -21.56 -10.94 -3.71
CA GLY A 311 -20.08 -11.08 -3.72
C GLY A 311 -19.61 -12.43 -4.21
N ALA A 314 -18.45 -16.11 -2.90
CA ALA A 314 -18.62 -17.58 -2.96
C ALA A 314 -20.00 -17.95 -3.50
N SER A 315 -20.10 -19.18 -3.98
CA SER A 315 -21.37 -19.88 -4.29
C SER A 315 -22.37 -19.69 -3.15
N LEU A 316 -23.65 -19.51 -3.48
CA LEU A 316 -24.82 -19.60 -2.57
C LEU A 316 -24.79 -20.95 -1.85
N GLN A 317 -24.54 -22.07 -2.54
CA GLN A 317 -24.59 -23.39 -1.85
C GLN A 317 -23.36 -23.57 -0.95
N TYR A 318 -22.14 -23.28 -1.43
CA TYR A 318 -20.89 -23.38 -0.62
C TYR A 318 -21.12 -22.67 0.70
N MET A 319 -21.61 -21.45 0.64
CA MET A 319 -21.82 -20.58 1.83
C MET A 319 -22.99 -21.12 2.66
N LYS A 320 -23.96 -21.76 2.00
CA LYS A 320 -25.11 -22.44 2.67
C LYS A 320 -24.58 -23.62 3.48
N ASN A 321 -23.51 -24.24 3.02
CA ASN A 321 -22.93 -25.47 3.63
C ASN A 321 -21.93 -25.08 4.74
N VAL A 322 -21.36 -23.87 4.72
CA VAL A 322 -20.44 -23.42 5.80
C VAL A 322 -21.29 -23.21 7.07
N PHE A 323 -22.52 -22.72 6.92
CA PHE A 323 -23.41 -22.41 8.04
C PHE A 323 -24.08 -23.69 8.55
N LYS A 324 -24.32 -24.65 7.67
CA LYS A 324 -24.81 -25.98 8.07
C LYS A 324 -23.71 -26.65 8.89
N GLU A 325 -22.48 -26.54 8.43
CA GLU A 325 -21.29 -27.05 9.16
C GLU A 325 -21.24 -26.32 10.49
N LYS A 326 -21.56 -25.03 10.48
CA LYS A 326 -21.45 -24.19 11.70
C LYS A 326 -22.52 -24.60 12.73
N TYR A 327 -23.76 -24.68 12.31
CA TYR A 327 -24.89 -24.92 13.26
C TYR A 327 -25.21 -26.42 13.38
N LEU A 328 -24.33 -27.24 12.81
CA LEU A 328 -24.39 -28.72 12.80
C LEU A 328 -25.76 -29.10 12.24
N LEU A 329 -26.01 -28.61 11.04
CA LEU A 329 -27.30 -28.86 10.36
C LEU A 329 -27.28 -30.26 9.75
N SER A 330 -28.46 -30.68 9.34
CA SER A 330 -28.80 -32.08 8.99
C SER A 330 -28.90 -32.37 7.49
N GLU A 331 -29.63 -33.43 7.16
CA GLU A 331 -29.79 -33.87 5.75
C GLU A 331 -31.24 -34.26 5.47
N ASP A 332 -31.73 -33.82 4.31
CA ASP A 332 -33.06 -34.09 3.71
C ASP A 332 -32.89 -33.66 2.25
N THR A 333 -33.40 -34.45 1.30
CA THR A 333 -33.17 -34.11 -0.12
C THR A 333 -33.96 -32.89 -0.58
N SER A 334 -35.05 -32.54 0.11
CA SER A 334 -35.86 -31.36 -0.27
C SER A 334 -35.06 -30.08 -0.03
N GLY A 335 -34.26 -30.07 1.03
CA GLY A 335 -33.43 -28.91 1.39
C GLY A 335 -33.16 -28.84 2.87
N LYS A 336 -32.41 -29.83 3.36
CA LYS A 336 -31.97 -30.04 4.77
C LYS A 336 -32.92 -29.36 5.77
N PHE A 337 -32.71 -28.07 6.06
CA PHE A 337 -33.57 -27.20 6.93
C PHE A 337 -33.54 -27.53 8.42
N SER A 338 -33.77 -28.77 8.81
CA SER A 338 -33.89 -29.26 10.20
C SER A 338 -32.68 -29.00 11.08
N VAL A 339 -32.96 -28.64 12.33
CA VAL A 339 -31.98 -28.53 13.43
C VAL A 339 -32.12 -29.79 14.26
N ASP A 340 -31.09 -30.61 14.28
CA ASP A 340 -30.98 -31.79 15.17
C ASP A 340 -30.90 -31.25 16.58
N LYS A 341 -32.05 -31.19 17.25
CA LYS A 341 -32.18 -30.76 18.67
C LYS A 341 -31.22 -31.56 19.55
N LEU A 342 -30.85 -32.76 19.16
CA LEU A 342 -29.87 -33.57 19.91
C LEU A 342 -28.48 -32.99 19.64
N LYS A 343 -28.20 -32.57 18.41
CA LYS A 343 -26.84 -32.07 18.00
C LYS A 343 -26.63 -30.64 18.49
N PHE A 344 -27.69 -29.84 18.56
CA PHE A 344 -27.69 -28.48 19.12
C PHE A 344 -27.20 -28.59 20.56
N ASP A 345 -27.88 -29.40 21.35
CA ASP A 345 -27.58 -29.67 22.77
C ASP A 345 -26.06 -29.86 22.97
N LYS A 346 -25.39 -30.63 22.11
CA LYS A 346 -23.98 -31.01 22.35
C LYS A 346 -23.08 -29.83 22.00
N LEU A 347 -23.46 -29.05 20.99
CA LEU A 347 -22.71 -27.82 20.59
C LEU A 347 -22.92 -26.76 21.65
N TYR A 348 -24.17 -26.47 21.95
CA TYR A 348 -24.60 -25.45 22.94
C TYR A 348 -23.87 -25.68 24.27
N LYS A 349 -23.80 -26.91 24.75
CA LYS A 349 -23.18 -27.12 26.07
C LYS A 349 -21.67 -27.02 25.94
N MET A 350 -21.13 -27.54 24.85
CA MET A 350 -19.67 -27.52 24.59
C MET A 350 -19.26 -26.05 24.75
N LEU A 351 -20.07 -25.15 24.21
CA LEU A 351 -19.82 -23.70 24.15
C LEU A 351 -20.11 -23.03 25.50
N THR A 352 -21.19 -23.39 26.19
CA THR A 352 -21.70 -22.69 27.38
C THR A 352 -21.25 -23.32 28.68
N GLU A 353 -21.05 -24.63 28.76
CA GLU A 353 -20.82 -25.30 30.06
C GLU A 353 -19.52 -26.12 30.13
N ILE A 354 -18.86 -26.43 29.02
CA ILE A 354 -17.55 -27.12 29.03
C ILE A 354 -16.44 -26.10 28.78
N TYR A 355 -16.60 -25.26 27.76
CA TYR A 355 -15.70 -24.10 27.49
C TYR A 355 -15.88 -23.12 28.64
N THR A 356 -15.01 -23.25 29.64
CA THR A 356 -15.05 -22.43 30.86
C THR A 356 -13.64 -22.23 31.39
N GLU A 357 -13.44 -21.13 32.10
CA GLU A 357 -12.12 -20.77 32.69
C GLU A 357 -11.72 -21.87 33.66
N ASP A 358 -12.64 -22.42 34.43
CA ASP A 358 -12.31 -23.42 35.48
C ASP A 358 -11.77 -24.69 34.83
N ASN A 359 -12.38 -25.15 33.76
CA ASN A 359 -12.03 -26.44 33.10
C ASN A 359 -10.63 -26.27 32.53
N PHE A 360 -10.33 -25.09 31.99
CA PHE A 360 -9.01 -24.80 31.39
C PHE A 360 -7.96 -24.80 32.50
N VAL A 361 -8.34 -24.35 33.69
CA VAL A 361 -7.42 -24.39 34.86
C VAL A 361 -7.00 -25.82 35.17
N LYS A 362 -7.88 -26.80 34.98
CA LYS A 362 -7.55 -28.20 35.39
C LYS A 362 -6.62 -28.80 34.34
N PHE A 363 -6.72 -28.29 33.12
CA PHE A 363 -5.90 -28.77 31.98
C PHE A 363 -4.49 -28.17 32.03
N PHE A 364 -4.37 -26.87 32.25
CA PHE A 364 -3.05 -26.19 32.35
C PHE A 364 -2.32 -26.62 33.64
N LYS A 365 -3.08 -27.07 34.61
CA LYS A 365 -2.59 -27.49 35.94
C LYS A 365 -1.78 -26.35 36.52
N VAL A 366 -2.45 -25.23 36.70
CA VAL A 366 -1.88 -23.97 37.24
C VAL A 366 -2.65 -23.65 38.51
N LEU A 367 -2.19 -22.63 39.23
CA LEU A 367 -2.94 -22.01 40.34
C LEU A 367 -3.65 -20.82 39.75
N ASN A 368 -4.96 -20.79 39.99
CA ASN A 368 -5.88 -19.83 39.37
C ASN A 368 -6.87 -19.37 40.42
N ARG A 369 -7.56 -18.29 40.09
CA ARG A 369 -8.77 -17.87 40.82
C ARG A 369 -9.64 -19.11 40.99
N LYS A 370 -10.19 -19.26 42.17
CA LYS A 370 -11.21 -20.29 42.49
C LYS A 370 -12.57 -19.65 42.26
N THR A 371 -12.59 -18.35 42.00
CA THR A 371 -13.83 -17.60 41.60
C THR A 371 -13.50 -16.31 40.84
N TYR A 372 -14.41 -15.88 39.99
CA TYR A 372 -14.37 -14.57 39.24
C TYR A 372 -14.77 -13.44 40.19
N LEU A 373 -15.42 -13.80 41.29
CA LEU A 373 -15.94 -12.87 42.33
C LEU A 373 -14.77 -12.27 43.12
N ASN A 374 -13.60 -12.89 42.99
CA ASN A 374 -12.25 -12.38 43.35
C ASN A 374 -12.10 -10.95 42.85
N PHE A 375 -10.93 -10.40 43.15
CA PHE A 375 -10.33 -9.24 42.44
C PHE A 375 -8.83 -9.51 42.35
N ASP A 376 -8.18 -8.87 41.40
CA ASP A 376 -6.70 -8.94 41.31
C ASP A 376 -6.15 -7.82 42.19
N LYS A 377 -4.93 -7.99 42.70
CA LYS A 377 -4.38 -7.12 43.76
C LYS A 377 -3.20 -6.30 43.21
N ALA A 378 -2.33 -6.97 42.46
CA ALA A 378 -1.10 -6.38 41.86
C ALA A 378 -1.04 -6.63 40.36
N VAL A 379 -0.25 -5.83 39.66
CA VAL A 379 -0.02 -5.93 38.20
C VAL A 379 1.45 -6.20 37.91
N PHE A 380 1.75 -7.29 37.22
CA PHE A 380 3.13 -7.76 37.00
C PHE A 380 3.53 -7.64 35.53
N LYS A 381 4.69 -7.04 35.30
CA LYS A 381 5.38 -7.03 34.01
C LYS A 381 6.07 -8.39 33.88
N ILE A 382 5.71 -9.10 32.82
CA ILE A 382 6.21 -10.47 32.51
C ILE A 382 6.67 -10.48 31.05
N ASN A 383 7.36 -11.55 30.70
CA ASN A 383 7.85 -11.86 29.35
C ASN A 383 7.82 -13.37 29.17
N ILE A 384 6.73 -13.87 28.58
CA ILE A 384 6.40 -15.30 28.40
C ILE A 384 6.94 -15.78 27.07
N VAL A 385 7.70 -14.94 26.40
CA VAL A 385 8.27 -15.29 25.07
C VAL A 385 9.47 -16.21 25.26
N PRO A 386 10.54 -15.85 26.02
CA PRO A 386 11.70 -16.72 26.14
C PRO A 386 11.28 -18.07 26.78
N LYS A 387 11.62 -19.16 26.10
CA LYS A 387 11.26 -20.52 26.51
C LYS A 387 11.74 -20.81 27.95
N VAL A 388 12.79 -20.13 28.39
CA VAL A 388 13.31 -20.19 29.80
C VAL A 388 12.43 -19.42 30.77
N ASN A 389 11.44 -18.66 30.28
CA ASN A 389 10.48 -17.90 31.13
C ASN A 389 9.14 -18.64 31.20
N TYR A 390 8.71 -19.20 30.09
CA TYR A 390 7.33 -19.71 29.92
C TYR A 390 7.33 -20.65 28.74
N THR A 391 6.62 -21.76 28.88
CA THR A 391 6.49 -22.72 27.80
C THR A 391 5.02 -22.92 27.51
N ILE A 392 4.78 -23.53 26.38
CA ILE A 392 3.47 -24.03 25.88
C ILE A 392 2.93 -25.14 26.80
N TYR A 393 3.78 -25.96 27.39
CA TYR A 393 3.34 -27.16 28.15
C TYR A 393 3.20 -26.92 29.68
N ASP A 394 3.95 -26.00 30.26
CA ASP A 394 3.98 -25.82 31.74
C ASP A 394 3.82 -24.35 32.15
N GLY A 395 3.74 -23.42 31.22
CA GLY A 395 3.71 -21.98 31.52
C GLY A 395 4.95 -21.52 32.26
N PHE A 396 4.75 -20.79 33.37
CA PHE A 396 5.76 -20.40 34.37
C PHE A 396 6.34 -21.60 35.16
N ASN A 397 5.56 -22.65 35.38
CA ASN A 397 5.88 -23.77 36.31
C ASN A 397 6.75 -24.81 35.59
N LEU A 398 7.95 -24.39 35.18
CA LEU A 398 8.82 -25.19 34.29
C LEU A 398 9.06 -26.59 34.88
N ARG A 399 9.09 -27.58 34.01
CA ARG A 399 9.60 -28.94 34.29
C ARG A 399 10.99 -28.84 34.94
N ASN A 400 11.34 -29.83 35.75
CA ASN A 400 12.74 -30.08 36.15
C ASN A 400 13.26 -28.81 36.85
N THR A 401 12.45 -28.15 37.66
CA THR A 401 12.94 -27.00 38.48
C THR A 401 12.13 -26.87 39.77
N ASN A 402 12.54 -25.91 40.57
CA ASN A 402 11.80 -25.51 41.80
C ASN A 402 10.43 -24.95 41.38
N LEU A 403 10.31 -24.47 40.13
CA LEU A 403 9.09 -23.81 39.57
C LEU A 403 8.04 -24.88 39.31
N ALA A 404 8.46 -26.15 39.21
CA ALA A 404 7.59 -27.33 39.02
C ALA A 404 6.78 -27.66 40.28
N ALA A 405 7.30 -27.31 41.46
CA ALA A 405 6.69 -27.69 42.76
C ALA A 405 5.82 -26.54 43.27
N ASN A 406 4.60 -26.84 43.70
CA ASN A 406 3.76 -25.94 44.53
C ASN A 406 3.40 -24.68 43.74
N PHE A 407 3.38 -24.77 42.42
CA PHE A 407 3.20 -23.60 41.52
C PHE A 407 4.19 -22.47 41.88
N ASN A 408 5.44 -22.80 42.23
CA ASN A 408 6.50 -21.78 42.51
C ASN A 408 6.78 -20.93 41.27
N GLY A 409 6.47 -21.44 40.08
CA GLY A 409 6.58 -20.68 38.84
C GLY A 409 5.70 -19.45 38.86
N GLN A 410 4.50 -19.62 39.39
CA GLN A 410 3.49 -18.56 39.41
C GLN A 410 3.59 -17.72 40.69
N ASN A 411 4.35 -18.19 41.67
CA ASN A 411 4.58 -17.51 42.97
C ASN A 411 5.52 -16.32 42.74
N THR A 412 5.02 -15.10 42.86
CA THR A 412 5.78 -13.88 42.55
C THR A 412 6.90 -13.64 43.56
N GLU A 413 6.92 -14.38 44.67
CA GLU A 413 7.97 -14.19 45.69
C GLU A 413 9.16 -15.03 45.29
N ILE A 414 8.93 -16.25 44.79
CA ILE A 414 10.02 -17.21 44.46
C ILE A 414 10.60 -16.89 43.08
N ASN A 415 9.74 -16.68 42.08
CA ASN A 415 10.09 -16.43 40.65
C ASN A 415 10.09 -14.91 40.34
N ASN A 416 10.50 -14.09 41.29
CA ASN A 416 10.61 -12.60 41.18
C ASN A 416 11.32 -12.18 39.89
N MET A 417 12.09 -13.06 39.27
CA MET A 417 12.89 -12.78 38.03
C MET A 417 12.03 -12.85 36.77
N ASN A 418 10.71 -12.98 36.92
CA ASN A 418 9.76 -13.17 35.80
C ASN A 418 8.48 -12.33 36.08
N PHE A 419 8.49 -11.54 37.14
CA PHE A 419 7.37 -10.67 37.53
C PHE A 419 7.93 -9.39 38.15
N THR A 420 7.81 -8.28 37.46
CA THR A 420 8.06 -6.94 38.02
C THR A 420 6.72 -6.37 38.47
N LYS A 421 6.46 -6.38 39.78
CA LYS A 421 5.29 -5.71 40.39
C LYS A 421 5.21 -4.25 39.91
N LEU A 422 4.00 -3.75 39.73
CA LEU A 422 3.68 -2.37 39.32
C LEU A 422 2.41 -2.04 40.11
N LYS A 423 2.01 -0.78 40.18
CA LYS A 423 0.82 -0.37 40.95
C LYS A 423 -0.29 0.13 40.03
N ASN A 424 -1.44 0.45 40.62
CA ASN A 424 -2.61 1.09 39.98
C ASN A 424 -2.15 2.30 39.16
N HIS B 6 26.38 -4.74 -18.31
CA HIS B 6 25.26 -4.19 -17.55
C HIS B 6 24.98 -2.77 -18.05
N MET B 7 24.01 -2.15 -17.38
CA MET B 7 23.30 -0.90 -17.72
C MET B 7 24.23 0.32 -17.65
N GLN B 8 23.65 1.51 -17.83
CA GLN B 8 24.29 2.77 -17.38
C GLN B 8 23.24 3.82 -17.02
N PHE B 9 22.34 4.23 -17.90
CA PHE B 9 21.36 5.28 -17.49
C PHE B 9 20.25 4.67 -16.64
N VAL B 10 19.60 3.64 -17.16
CA VAL B 10 18.57 2.92 -16.38
C VAL B 10 19.34 1.90 -15.57
N ASN B 11 19.44 2.13 -14.28
CA ASN B 11 20.42 1.49 -13.37
C ASN B 11 20.08 0.01 -13.13
N LYS B 12 18.82 -0.39 -13.29
CA LYS B 12 18.39 -1.80 -13.08
C LYS B 12 17.58 -2.27 -14.30
N GLN B 13 17.26 -3.56 -14.35
CA GLN B 13 16.38 -4.16 -15.39
C GLN B 13 15.00 -4.39 -14.77
N PHE B 14 14.10 -3.43 -14.97
CA PHE B 14 12.69 -3.44 -14.51
C PHE B 14 11.84 -4.27 -15.47
N ASN B 15 11.09 -5.17 -14.87
CA ASN B 15 9.97 -5.91 -15.49
C ASN B 15 8.71 -5.36 -14.84
N TYR B 16 7.62 -5.26 -15.59
CA TYR B 16 6.29 -4.86 -15.05
C TYR B 16 5.84 -5.93 -14.06
N LYS B 17 6.38 -7.15 -14.17
CA LYS B 17 6.01 -8.27 -13.27
C LYS B 17 6.63 -7.98 -11.90
N ASP B 18 7.72 -7.21 -11.93
CA ASP B 18 8.62 -7.01 -10.79
C ASP B 18 7.82 -6.54 -9.56
N PRO B 19 8.22 -7.03 -8.37
CA PRO B 19 7.51 -6.73 -7.13
C PRO B 19 7.81 -5.29 -6.68
N VAL B 20 6.74 -4.62 -6.36
CA VAL B 20 6.72 -3.26 -5.76
C VAL B 20 7.60 -3.27 -4.51
N ASN B 21 8.35 -2.19 -4.32
CA ASN B 21 9.27 -2.02 -3.17
C ASN B 21 9.12 -0.63 -2.51
N GLY B 22 8.41 0.30 -3.13
CA GLY B 22 8.20 1.67 -2.60
C GLY B 22 9.37 2.62 -2.77
N VAL B 23 10.40 2.24 -3.52
CA VAL B 23 11.62 3.07 -3.78
C VAL B 23 11.80 3.34 -5.29
N ASP B 24 11.89 2.29 -6.09
CA ASP B 24 11.94 2.48 -7.56
C ASP B 24 10.79 1.76 -8.27
N ILE B 25 10.09 0.84 -7.64
CA ILE B 25 8.85 0.27 -8.23
C ILE B 25 7.70 0.55 -7.29
N ALA B 26 6.70 1.27 -7.73
CA ALA B 26 5.70 1.82 -6.81
C ALA B 26 4.37 2.10 -7.50
N TYR B 27 3.32 2.10 -6.71
CA TYR B 27 2.01 2.64 -7.10
C TYR B 27 1.97 4.08 -6.64
N ILE B 28 1.61 4.98 -7.54
CA ILE B 28 1.67 6.44 -7.31
C ILE B 28 0.33 7.08 -7.70
N LYS B 29 0.15 8.31 -7.26
CA LYS B 29 -1.05 9.10 -7.60
C LYS B 29 -0.55 10.39 -8.26
N ILE B 30 -0.98 10.65 -9.48
CA ILE B 30 -0.58 11.88 -10.19
C ILE B 30 -1.34 13.03 -9.54
N PRO B 31 -0.67 14.12 -9.12
CA PRO B 31 -1.34 15.23 -8.47
C PRO B 31 -2.55 15.72 -9.25
N MET B 36 -9.31 9.67 -8.55
CA MET B 36 -8.16 9.03 -9.24
C MET B 36 -7.49 8.03 -8.28
N GLN B 37 -7.18 6.82 -8.75
CA GLN B 37 -6.51 5.81 -7.91
C GLN B 37 -5.23 5.30 -8.59
N PRO B 38 -4.32 4.67 -7.82
CA PRO B 38 -2.96 4.30 -8.27
C PRO B 38 -2.67 3.51 -9.55
N VAL B 39 -1.45 3.68 -10.06
CA VAL B 39 -0.89 2.99 -11.26
C VAL B 39 0.57 2.67 -11.00
N LYS B 40 1.04 1.48 -11.35
CA LYS B 40 2.44 1.03 -11.23
C LYS B 40 3.32 1.96 -12.06
N ALA B 41 4.37 2.49 -11.43
CA ALA B 41 5.36 3.41 -12.01
C ALA B 41 6.74 2.89 -11.65
N PHE B 42 7.76 3.22 -12.43
CA PHE B 42 9.11 2.66 -12.28
C PHE B 42 10.08 3.82 -12.29
N LYS B 43 10.99 3.87 -11.33
CA LYS B 43 12.05 4.88 -11.25
C LYS B 43 13.26 4.31 -11.92
N ILE B 44 13.44 4.70 -13.18
CA ILE B 44 14.54 4.18 -14.05
C ILE B 44 15.86 4.93 -13.82
N HIS B 45 15.81 6.13 -13.26
CA HIS B 45 16.97 6.97 -12.96
C HIS B 45 16.50 8.04 -11.99
N ASN B 46 17.41 8.60 -11.22
CA ASN B 46 17.10 9.65 -10.22
C ASN B 46 16.28 10.71 -10.93
N LYS B 47 15.15 11.03 -10.34
CA LYS B 47 14.18 12.06 -10.78
C LYS B 47 13.38 11.62 -12.00
N ILE B 48 13.50 10.40 -12.46
CA ILE B 48 12.82 10.00 -13.71
C ILE B 48 12.00 8.73 -13.52
N TRP B 49 10.70 8.86 -13.76
CA TRP B 49 9.72 7.77 -13.63
C TRP B 49 9.09 7.43 -14.98
N VAL B 50 8.82 6.17 -15.24
CA VAL B 50 8.00 5.75 -16.39
C VAL B 50 6.74 5.09 -15.87
N ILE B 51 5.61 5.59 -16.28
CA ILE B 51 4.28 4.98 -16.03
C ILE B 51 3.84 4.36 -17.34
N PRO B 52 3.96 3.02 -17.47
CA PRO B 52 3.50 2.25 -18.61
C PRO B 52 1.96 2.05 -18.67
N GLU B 53 1.23 3.15 -18.63
CA GLU B 53 -0.23 3.20 -18.78
C GLU B 53 -0.52 4.27 -19.86
N ARG B 54 -1.74 4.25 -20.39
CA ARG B 54 -2.31 5.30 -21.21
C ARG B 54 -2.60 6.46 -20.27
N ASP B 55 -2.45 7.68 -20.77
CA ASP B 55 -2.52 8.91 -19.94
C ASP B 55 -3.99 9.25 -19.71
N THR B 56 -4.53 8.71 -18.63
CA THR B 56 -5.90 8.94 -18.11
C THR B 56 -5.92 10.07 -17.06
N PHE B 57 -4.76 10.65 -16.67
CA PHE B 57 -4.55 11.38 -15.39
C PHE B 57 -4.18 12.88 -15.51
N THR B 58 -3.25 13.28 -16.37
CA THR B 58 -2.74 14.68 -16.39
C THR B 58 -3.83 15.64 -16.87
N ASN B 59 -4.82 15.10 -17.57
CA ASN B 59 -6.02 15.85 -18.00
C ASN B 59 -7.25 15.25 -17.30
N PRO B 60 -8.02 16.07 -16.56
CA PRO B 60 -9.29 15.61 -15.99
C PRO B 60 -10.30 15.28 -17.10
N GLU B 61 -10.45 16.22 -18.06
CA GLU B 61 -11.34 16.13 -19.24
C GLU B 61 -10.93 14.94 -20.13
N GLU B 62 -9.66 14.85 -20.54
CA GLU B 62 -9.16 13.79 -21.46
C GLU B 62 -9.06 12.46 -20.68
N GLY B 63 -10.20 11.96 -20.19
CA GLY B 63 -10.25 10.83 -19.25
C GLY B 63 -10.59 9.50 -19.90
N ASP B 64 -10.77 9.46 -21.21
CA ASP B 64 -11.12 8.22 -21.93
C ASP B 64 -10.29 8.16 -23.19
N LEU B 65 -10.30 6.99 -23.84
CA LEU B 65 -9.47 6.64 -25.04
C LEU B 65 -10.34 6.39 -26.30
N ASN B 66 -11.65 6.65 -26.23
CA ASN B 66 -12.61 6.40 -27.33
C ASN B 66 -12.43 7.51 -28.34
N PRO B 67 -12.37 7.19 -29.65
CA PRO B 67 -12.18 8.21 -30.69
C PRO B 67 -13.14 9.38 -30.57
N PRO B 68 -12.74 10.60 -31.00
CA PRO B 68 -13.63 11.76 -30.96
C PRO B 68 -14.86 11.58 -31.87
N VAL B 74 -6.96 16.27 -36.60
CA VAL B 74 -5.53 15.87 -36.73
C VAL B 74 -5.33 15.24 -38.11
N PRO B 75 -4.28 15.61 -38.89
CA PRO B 75 -4.18 15.16 -40.28
C PRO B 75 -4.02 13.64 -40.22
N VAL B 76 -2.93 13.20 -39.58
CA VAL B 76 -2.64 11.78 -39.26
C VAL B 76 -2.79 11.61 -37.75
N SER B 77 -3.80 10.82 -37.41
CA SER B 77 -4.21 10.42 -36.05
C SER B 77 -4.16 8.88 -36.02
N TYR B 78 -4.00 8.26 -34.86
CA TYR B 78 -4.19 6.81 -34.73
C TYR B 78 -4.74 6.48 -33.34
N TYR B 79 -5.95 5.94 -33.33
CA TYR B 79 -6.71 5.52 -32.13
C TYR B 79 -6.73 4.00 -32.03
N ASP B 80 -6.44 3.52 -30.82
CA ASP B 80 -6.60 2.10 -30.46
C ASP B 80 -6.73 2.02 -28.93
N SER B 81 -7.98 1.97 -28.45
CA SER B 81 -8.38 1.80 -27.03
C SER B 81 -7.74 0.54 -26.42
N THR B 82 -7.10 -0.30 -27.22
CA THR B 82 -6.54 -1.61 -26.77
C THR B 82 -5.08 -1.43 -26.33
N TYR B 83 -4.41 -0.36 -26.81
CA TYR B 83 -2.95 -0.13 -26.61
C TYR B 83 -2.69 0.04 -25.11
N LEU B 84 -1.63 -0.60 -24.63
CA LEU B 84 -1.20 -0.50 -23.21
C LEU B 84 -2.32 -0.93 -22.24
N SER B 85 -3.06 -1.99 -22.55
CA SER B 85 -4.09 -2.60 -21.66
C SER B 85 -3.49 -3.77 -20.87
N THR B 86 -2.60 -4.54 -21.49
CA THR B 86 -2.09 -5.86 -21.03
C THR B 86 -0.68 -5.72 -20.44
N ASP B 87 -0.41 -6.42 -19.35
CA ASP B 87 0.90 -6.41 -18.67
C ASP B 87 2.00 -6.77 -19.66
N ASN B 88 1.71 -7.56 -20.68
CA ASN B 88 2.73 -7.98 -21.68
C ASN B 88 3.09 -6.76 -22.53
N GLU B 89 2.14 -5.85 -22.76
CA GLU B 89 2.37 -4.55 -23.42
C GLU B 89 3.20 -3.67 -22.48
N LYS B 90 2.74 -3.51 -21.24
CA LYS B 90 3.33 -2.59 -20.24
C LYS B 90 4.80 -2.97 -19.96
N ASP B 91 5.11 -4.26 -19.84
CA ASP B 91 6.52 -4.69 -19.69
C ASP B 91 7.26 -4.27 -20.97
N ASN B 92 6.62 -4.48 -22.11
CA ASN B 92 7.22 -4.22 -23.45
C ASN B 92 7.38 -2.70 -23.60
N TYR B 93 6.37 -1.93 -23.23
CA TYR B 93 6.44 -0.44 -23.24
C TYR B 93 7.65 0.02 -22.42
N LEU B 94 7.83 -0.60 -21.26
CA LEU B 94 8.89 -0.20 -20.31
C LEU B 94 10.25 -0.45 -20.94
N LYS B 95 10.47 -1.66 -21.46
CA LYS B 95 11.77 -2.13 -21.96
C LYS B 95 12.13 -1.32 -23.19
N GLY B 96 11.13 -0.68 -23.76
CA GLY B 96 11.25 0.18 -24.95
C GLY B 96 11.68 1.56 -24.55
N VAL B 97 10.93 2.23 -23.71
CA VAL B 97 11.34 3.56 -23.17
C VAL B 97 12.72 3.48 -22.53
N THR B 98 13.07 2.35 -21.95
CA THR B 98 14.37 2.12 -21.30
C THR B 98 15.45 2.17 -22.37
N LYS B 99 15.19 1.49 -23.48
CA LYS B 99 16.18 1.28 -24.55
C LYS B 99 16.47 2.63 -25.21
N LEU B 100 15.43 3.40 -25.40
CA LEU B 100 15.49 4.73 -26.01
C LEU B 100 16.23 5.66 -25.07
N PHE B 101 16.09 5.48 -23.76
CA PHE B 101 16.84 6.31 -22.79
C PHE B 101 18.33 5.94 -22.92
N GLU B 102 18.62 4.67 -23.17
CA GLU B 102 20.01 4.18 -23.29
C GLU B 102 20.60 4.75 -24.57
N ARG B 103 19.85 4.62 -25.66
CA ARG B 103 20.29 5.08 -26.99
C ARG B 103 20.69 6.53 -26.85
N ILE B 104 19.81 7.33 -26.27
CA ILE B 104 19.97 8.82 -26.19
C ILE B 104 21.20 9.12 -25.34
N TYR B 105 21.33 8.46 -24.20
CA TYR B 105 22.45 8.61 -23.24
C TYR B 105 23.77 8.08 -23.82
N SER B 106 23.74 7.18 -24.79
CA SER B 106 24.96 6.55 -25.35
C SER B 106 25.62 7.52 -26.29
N THR B 107 24.90 8.57 -26.66
CA THR B 107 25.44 9.73 -27.43
C THR B 107 25.92 10.79 -26.44
N ASP B 108 26.95 11.54 -26.81
CA ASP B 108 27.50 12.59 -25.93
C ASP B 108 26.40 13.62 -25.76
N LEU B 109 25.72 13.97 -26.84
CA LEU B 109 24.64 14.99 -26.77
C LEU B 109 23.62 14.53 -25.72
N GLY B 110 23.03 13.36 -25.90
CA GLY B 110 21.98 12.76 -25.04
C GLY B 110 22.40 12.60 -23.59
N ARG B 111 23.63 12.24 -23.28
CA ARG B 111 24.14 12.22 -21.88
C ARG B 111 24.02 13.61 -21.28
N MET B 112 24.44 14.61 -22.01
CA MET B 112 24.53 15.97 -21.40
C MET B 112 23.13 16.51 -21.17
N LEU B 113 22.18 16.24 -22.05
CA LEU B 113 20.79 16.76 -21.87
C LEU B 113 20.10 15.95 -20.76
N LEU B 114 20.27 14.63 -20.75
CA LEU B 114 19.74 13.80 -19.65
C LEU B 114 20.35 14.29 -18.36
N THR B 115 21.55 14.81 -18.40
CA THR B 115 22.23 15.36 -17.20
C THR B 115 21.55 16.68 -16.85
N SER B 116 21.31 17.52 -17.85
CA SER B 116 20.66 18.84 -17.67
C SER B 116 19.28 18.57 -17.06
N ILE B 117 18.59 17.58 -17.57
CA ILE B 117 17.24 17.19 -17.08
C ILE B 117 17.34 16.79 -15.62
N VAL B 118 18.25 15.88 -15.25
CA VAL B 118 18.26 15.34 -13.84
C VAL B 118 18.55 16.47 -12.83
N ARG B 119 19.46 17.36 -13.18
CA ARG B 119 19.90 18.46 -12.35
C ARG B 119 18.73 19.41 -12.11
N GLY B 120 17.94 19.64 -13.12
CA GLY B 120 17.00 20.78 -13.22
C GLY B 120 15.78 20.67 -12.34
N ILE B 121 16.00 20.35 -11.09
CA ILE B 121 14.94 20.21 -10.06
C ILE B 121 14.02 21.40 -10.23
N PRO B 122 12.70 21.20 -10.33
CA PRO B 122 11.78 22.30 -10.31
C PRO B 122 12.03 23.10 -9.03
N PHE B 123 12.02 24.41 -9.15
CA PHE B 123 12.30 25.35 -8.06
C PHE B 123 11.15 25.38 -7.07
N TRP B 124 11.52 25.65 -5.80
CA TRP B 124 10.63 25.73 -4.63
C TRP B 124 10.14 27.17 -4.45
N GLY B 125 9.14 27.56 -5.24
CA GLY B 125 8.41 28.84 -5.09
C GLY B 125 7.03 28.61 -4.53
N GLY B 126 6.88 27.61 -3.69
CA GLY B 126 5.56 27.22 -3.14
C GLY B 126 5.01 28.20 -2.14
N SER B 127 5.83 28.84 -1.31
CA SER B 127 5.32 29.58 -0.13
C SER B 127 4.83 30.97 -0.53
N THR B 128 3.63 31.28 -0.08
CA THR B 128 3.07 32.65 -0.07
C THR B 128 4.05 33.54 0.70
N ILE B 129 4.71 32.95 1.72
CA ILE B 129 5.67 33.71 2.57
C ILE B 129 6.91 34.03 1.70
N ASP B 130 7.28 35.31 1.65
CA ASP B 130 8.40 35.87 0.86
C ASP B 130 9.74 35.38 1.40
N THR B 131 9.86 35.17 2.72
CA THR B 131 11.13 34.70 3.37
C THR B 131 11.29 33.19 3.19
N GLU B 132 10.25 32.51 2.74
CA GLU B 132 10.10 31.06 2.97
C GLU B 132 10.21 30.33 1.64
N LEU B 133 10.96 29.24 1.67
CA LEU B 133 11.11 28.28 0.56
C LEU B 133 10.18 27.11 0.86
N LYS B 134 9.54 26.62 -0.20
CA LYS B 134 8.52 25.55 -0.11
C LYS B 134 8.38 24.82 -1.46
N VAL B 135 8.13 23.54 -1.35
CA VAL B 135 7.95 22.70 -2.54
C VAL B 135 6.59 23.07 -3.13
N ILE B 136 6.52 23.00 -4.44
CA ILE B 136 5.22 23.10 -5.16
C ILE B 136 4.65 21.68 -5.20
N ASP B 137 3.41 21.52 -4.75
CA ASP B 137 2.73 20.21 -4.62
C ASP B 137 2.84 19.42 -5.93
N THR B 138 2.58 20.06 -7.07
CA THR B 138 2.46 19.42 -8.40
C THR B 138 3.81 18.91 -8.95
N ASN B 139 4.92 19.40 -8.44
CA ASN B 139 6.27 18.91 -8.85
C ASN B 139 6.62 17.71 -8.00
N CYS B 140 5.61 17.13 -7.40
CA CYS B 140 5.74 15.82 -6.73
C CYS B 140 4.69 14.84 -7.28
N ILE B 141 4.94 13.58 -7.03
CA ILE B 141 3.94 12.48 -7.08
C ILE B 141 3.79 11.94 -5.66
N ASN B 142 2.64 11.40 -5.34
CA ASN B 142 2.35 10.67 -4.07
C ASN B 142 2.75 9.19 -4.26
N VAL B 143 3.73 8.67 -3.52
CA VAL B 143 4.13 7.25 -3.69
C VAL B 143 3.58 6.41 -2.51
N ILE B 144 2.70 5.45 -2.84
CA ILE B 144 2.10 4.55 -1.81
C ILE B 144 2.91 3.24 -1.78
N GLN B 145 3.02 2.64 -0.58
CA GLN B 145 3.74 1.36 -0.30
C GLN B 145 5.26 1.54 -0.44
N PRO B 146 6.03 1.78 0.65
CA PRO B 146 6.24 0.80 1.72
C PRO B 146 5.12 0.82 2.77
N ASP B 147 4.79 -0.35 3.33
CA ASP B 147 3.73 -0.47 4.35
C ASP B 147 2.45 0.32 4.01
N GLY B 148 2.02 0.29 2.75
CA GLY B 148 0.78 0.92 2.23
C GLY B 148 0.51 2.37 2.59
N SER B 149 1.53 3.22 2.74
CA SER B 149 1.31 4.64 3.10
C SER B 149 1.69 5.55 1.93
N TYR B 150 1.20 6.80 1.92
CA TYR B 150 1.34 7.82 0.84
C TYR B 150 2.31 8.90 1.27
N ARG B 151 3.53 8.92 0.70
CA ARG B 151 4.52 9.99 0.95
C ARG B 151 4.88 10.62 -0.40
N SER B 152 4.82 11.94 -0.46
CA SER B 152 5.23 12.78 -1.61
C SER B 152 6.70 12.61 -1.93
N GLU B 153 7.02 12.44 -3.22
CA GLU B 153 8.40 12.32 -3.76
C GLU B 153 8.60 13.31 -4.91
N GLU B 154 9.69 14.05 -4.84
CA GLU B 154 10.03 14.96 -5.94
C GLU B 154 10.57 14.15 -7.11
N LEU B 155 10.22 14.58 -8.30
CA LEU B 155 10.68 14.01 -9.58
C LEU B 155 10.67 15.11 -10.65
N ASN B 156 11.43 14.88 -11.71
CA ASN B 156 11.60 15.84 -12.83
C ASN B 156 10.75 15.41 -14.03
N LEU B 157 10.63 14.11 -14.22
CA LEU B 157 10.24 13.56 -15.53
C LEU B 157 9.44 12.28 -15.33
N VAL B 158 8.35 12.25 -16.06
CA VAL B 158 7.49 11.08 -16.25
C VAL B 158 7.39 10.91 -17.74
N ILE B 159 7.84 9.78 -18.23
CA ILE B 159 7.38 9.30 -19.53
C ILE B 159 6.13 8.48 -19.24
N ILE B 160 5.03 8.97 -19.73
CA ILE B 160 3.71 8.31 -19.66
C ILE B 160 3.25 7.99 -21.08
N GLY B 161 2.50 6.90 -21.19
CA GLY B 161 1.89 6.47 -22.46
C GLY B 161 0.91 7.50 -22.98
N PRO B 162 0.54 7.39 -24.27
CA PRO B 162 -0.28 8.38 -24.93
C PRO B 162 -1.73 8.37 -24.42
N SER B 163 -2.46 9.48 -24.60
CA SER B 163 -3.91 9.54 -24.32
C SER B 163 -4.60 8.83 -25.48
N ALA B 164 -5.82 9.28 -25.81
CA ALA B 164 -6.64 8.68 -26.89
C ALA B 164 -5.78 8.53 -28.15
N ASP B 165 -5.37 9.65 -28.72
CA ASP B 165 -4.58 9.69 -29.98
C ASP B 165 -3.19 9.13 -29.65
N ILE B 166 -2.87 7.94 -30.17
CA ILE B 166 -1.68 7.18 -29.74
C ILE B 166 -0.40 7.87 -30.24
N ILE B 167 -0.38 8.38 -31.47
CA ILE B 167 0.87 9.02 -31.99
C ILE B 167 0.89 10.49 -31.59
N GLN B 168 0.01 10.91 -30.67
CA GLN B 168 0.01 12.30 -30.12
C GLN B 168 0.99 12.33 -28.95
N PHE B 169 2.23 12.62 -29.26
CA PHE B 169 3.29 12.80 -28.25
C PHE B 169 3.39 14.27 -27.89
N GLU B 170 3.60 14.54 -26.62
CA GLU B 170 3.70 15.91 -26.13
C GLU B 170 4.42 15.95 -24.78
N CYS B 171 4.70 17.16 -24.33
CA CYS B 171 5.39 17.41 -23.06
C CYS B 171 4.59 18.43 -22.29
N LYS B 172 3.88 18.02 -21.24
CA LYS B 172 3.08 18.96 -20.43
C LYS B 172 3.24 18.81 -18.91
N SER B 173 2.82 19.85 -18.22
CA SER B 173 3.20 20.12 -16.82
C SER B 173 2.08 20.90 -16.15
N PHE B 174 1.76 20.47 -14.93
CA PHE B 174 0.83 21.15 -14.01
C PHE B 174 1.32 22.56 -13.70
N GLY B 175 0.42 23.51 -13.90
CA GLY B 175 0.64 24.96 -13.74
C GLY B 175 0.28 25.45 -12.35
N HIS B 176 0.46 26.76 -12.17
CA HIS B 176 0.33 27.49 -10.89
C HIS B 176 -0.68 28.61 -11.12
N GLU B 177 -1.43 28.96 -10.08
CA GLU B 177 -2.52 30.00 -10.13
C GLU B 177 -1.97 31.33 -10.66
N VAL B 178 -0.72 31.69 -10.41
CA VAL B 178 -0.17 33.06 -10.70
C VAL B 178 1.07 32.93 -11.61
N LEU B 179 1.84 31.87 -11.44
CA LEU B 179 3.20 31.70 -12.00
C LEU B 179 3.16 30.89 -13.29
N ASN B 180 4.04 31.27 -14.21
CA ASN B 180 4.35 30.54 -15.44
C ASN B 180 5.60 29.74 -15.15
N LEU B 181 5.45 28.57 -14.52
CA LEU B 181 6.60 27.79 -14.01
C LEU B 181 7.57 27.44 -15.16
N THR B 182 7.05 27.17 -16.34
CA THR B 182 7.87 26.76 -17.51
C THR B 182 8.45 27.98 -18.21
N ARG B 183 8.08 29.17 -17.79
CA ARG B 183 8.46 30.42 -18.50
C ARG B 183 9.13 31.43 -17.56
N ASN B 184 9.26 31.16 -16.26
CA ASN B 184 9.73 32.15 -15.23
C ASN B 184 11.10 31.73 -14.65
N GLY B 185 11.66 30.64 -15.10
CA GLY B 185 12.89 30.08 -14.51
C GLY B 185 12.62 29.01 -13.45
N TYR B 186 11.42 28.93 -12.89
CA TYR B 186 11.13 27.95 -11.80
C TYR B 186 11.20 26.53 -12.35
N GLY B 187 10.50 26.30 -13.44
CA GLY B 187 10.36 24.93 -13.93
C GLY B 187 9.31 24.13 -13.18
N SER B 188 9.07 22.94 -13.68
CA SER B 188 7.94 22.08 -13.26
C SER B 188 8.22 20.65 -13.68
N THR B 189 7.69 19.71 -12.91
CA THR B 189 7.74 18.31 -13.31
C THR B 189 7.12 18.19 -14.68
N GLN B 190 7.76 17.46 -15.56
CA GLN B 190 7.33 17.38 -16.95
C GLN B 190 6.79 15.97 -17.19
N TYR B 191 5.67 15.89 -17.88
CA TYR B 191 5.04 14.62 -18.31
C TYR B 191 5.18 14.57 -19.82
N ILE B 192 5.81 13.52 -20.30
CA ILE B 192 5.89 13.30 -21.76
C ILE B 192 4.93 12.17 -22.12
N ARG B 193 3.84 12.49 -22.81
CA ARG B 193 3.03 11.48 -23.56
C ARG B 193 3.88 10.91 -24.69
N PHE B 194 4.21 9.63 -24.62
CA PHE B 194 5.14 9.02 -25.60
C PHE B 194 4.90 7.51 -25.73
N SER B 195 5.15 6.98 -26.92
CA SER B 195 5.13 5.52 -27.21
C SER B 195 6.39 5.11 -27.95
N PRO B 196 7.10 4.09 -27.44
CA PRO B 196 8.18 3.45 -28.18
C PRO B 196 7.65 2.38 -29.16
N ASP B 197 6.33 2.25 -29.22
CA ASP B 197 5.65 1.09 -29.85
C ASP B 197 5.32 1.46 -31.29
N PHE B 198 5.20 2.73 -31.60
CA PHE B 198 4.88 3.20 -32.96
C PHE B 198 5.88 4.30 -33.36
N THR B 199 6.10 4.38 -34.66
CA THR B 199 6.85 5.47 -35.31
C THR B 199 6.08 5.85 -36.55
N PHE B 200 6.36 7.04 -37.06
CA PHE B 200 5.63 7.64 -38.18
C PHE B 200 6.64 7.71 -39.31
N GLY B 201 6.12 7.64 -40.53
CA GLY B 201 6.90 7.74 -41.78
C GLY B 201 7.05 9.19 -42.20
N PHE B 202 8.10 9.46 -42.94
CA PHE B 202 8.38 10.80 -43.54
C PHE B 202 8.82 10.55 -44.97
N GLU B 203 9.12 11.61 -45.72
CA GLU B 203 9.42 11.57 -47.17
C GLU B 203 10.86 12.04 -47.42
N GLU B 204 11.69 11.20 -48.04
CA GLU B 204 13.11 11.51 -48.38
C GLU B 204 13.70 10.44 -49.32
N SER B 205 14.31 10.91 -50.42
CA SER B 205 15.22 10.19 -51.35
C SER B 205 16.64 10.75 -51.20
N LEU B 206 17.67 9.88 -51.23
CA LEU B 206 19.05 10.16 -50.72
C LEU B 206 20.09 10.25 -51.86
N GLU B 207 19.68 10.20 -53.13
CA GLU B 207 20.65 10.05 -54.23
C GLU B 207 20.25 10.95 -55.40
N ASN B 211 21.98 6.32 -59.81
CA ASN B 211 22.11 6.84 -58.43
C ASN B 211 21.31 8.13 -58.18
N PRO B 212 20.38 8.63 -59.01
CA PRO B 212 19.64 9.81 -58.60
C PRO B 212 18.22 9.64 -58.03
N LEU B 213 17.30 9.01 -58.77
CA LEU B 213 15.88 9.01 -58.35
C LEU B 213 15.35 7.64 -57.92
N LEU B 214 15.08 7.45 -56.63
CA LEU B 214 14.36 6.23 -56.23
C LEU B 214 13.08 6.67 -55.53
N GLY B 215 12.49 7.73 -56.08
CA GLY B 215 11.19 8.35 -55.73
C GLY B 215 10.91 8.70 -54.29
N ALA B 216 9.63 8.93 -54.01
CA ALA B 216 9.14 9.28 -52.67
C ALA B 216 8.80 8.00 -51.91
N GLY B 217 9.82 7.40 -51.31
CA GLY B 217 9.70 6.23 -50.43
C GLY B 217 9.37 6.66 -49.01
N LYS B 218 9.07 5.71 -48.13
CA LYS B 218 8.69 5.99 -46.72
C LYS B 218 9.77 5.41 -45.81
N PHE B 219 10.64 6.28 -45.34
CA PHE B 219 11.59 6.01 -44.25
C PHE B 219 10.81 6.32 -42.97
N ALA B 220 11.19 5.65 -41.87
CA ALA B 220 10.60 5.81 -40.54
C ALA B 220 11.56 6.61 -39.64
N THR B 221 10.96 7.50 -38.86
CA THR B 221 11.63 8.26 -37.77
C THR B 221 12.19 7.26 -36.76
N ASP B 222 13.46 7.35 -36.46
CA ASP B 222 14.03 6.73 -35.24
C ASP B 222 13.26 7.29 -34.05
N PRO B 223 12.58 6.46 -33.23
CA PRO B 223 11.77 6.98 -32.13
C PRO B 223 12.63 7.67 -31.06
N ALA B 224 13.92 7.31 -31.05
CA ALA B 224 14.96 7.89 -30.19
C ALA B 224 15.12 9.36 -30.49
N VAL B 225 14.88 9.75 -31.72
CA VAL B 225 14.89 11.18 -32.12
C VAL B 225 13.61 11.81 -31.65
N THR B 226 12.49 11.09 -31.79
CA THR B 226 11.15 11.59 -31.38
C THR B 226 11.15 11.84 -29.86
N LEU B 227 11.69 10.89 -29.09
CA LEU B 227 11.90 11.02 -27.63
C LEU B 227 12.94 12.10 -27.37
N ALA B 228 13.98 12.23 -28.17
CA ALA B 228 14.96 13.33 -28.00
C ALA B 228 14.24 14.66 -28.01
N HIS B 229 13.27 14.77 -28.90
CA HIS B 229 12.48 16.00 -29.12
C HIS B 229 11.80 16.42 -27.84
N GLU B 230 11.15 15.49 -27.19
CA GLU B 230 10.33 15.77 -25.98
C GLU B 230 11.25 16.06 -24.78
N LEU B 231 12.38 15.44 -24.67
CA LEU B 231 13.35 15.74 -23.58
C LEU B 231 13.84 17.18 -23.71
N ILE B 232 14.00 17.65 -24.92
CA ILE B 232 14.42 19.05 -25.15
C ILE B 232 13.30 19.93 -24.63
N HIS B 233 12.06 19.66 -25.06
CA HIS B 233 10.88 20.39 -24.52
C HIS B 233 10.88 20.25 -23.00
N ALA B 234 11.11 19.05 -22.47
CA ALA B 234 11.18 18.82 -21.02
C ALA B 234 12.26 19.74 -20.48
N GLY B 235 13.43 19.71 -21.11
CA GLY B 235 14.59 20.48 -20.62
C GLY B 235 14.30 21.97 -20.65
N HIS B 236 13.65 22.47 -21.68
CA HIS B 236 13.27 23.90 -21.74
C HIS B 236 12.40 24.19 -20.52
N ARG B 237 11.34 23.44 -20.36
CA ARG B 237 10.27 23.69 -19.36
C ARG B 237 10.76 23.45 -17.92
N LEU B 238 11.83 22.70 -17.73
CA LEU B 238 12.39 22.46 -16.39
C LEU B 238 13.22 23.64 -15.89
N TYR B 239 13.86 24.36 -16.80
CA TYR B 239 14.72 25.52 -16.46
C TYR B 239 13.90 26.78 -16.64
N GLY B 240 12.61 26.59 -16.85
CA GLY B 240 11.62 27.69 -16.89
C GLY B 240 11.90 28.67 -18.01
N ILE B 241 12.41 28.18 -19.14
CA ILE B 241 12.87 29.05 -20.27
C ILE B 241 12.12 28.66 -21.54
N ALA B 242 10.95 28.05 -21.35
CA ALA B 242 10.08 27.61 -22.44
C ALA B 242 9.51 28.90 -23.02
N ILE B 243 9.21 28.88 -24.31
CA ILE B 243 8.69 30.06 -25.02
C ILE B 243 7.16 30.02 -25.00
N ASN B 244 6.55 31.19 -24.77
CA ASN B 244 5.08 31.40 -24.80
C ASN B 244 4.59 30.79 -26.09
N PRO B 245 3.72 29.75 -26.00
CA PRO B 245 3.05 29.18 -27.17
C PRO B 245 2.25 30.22 -27.97
N ASN B 246 2.05 31.40 -27.39
CA ASN B 246 1.69 32.68 -28.07
C ASN B 246 2.52 32.89 -29.33
N ARG B 247 3.84 32.68 -29.18
CA ARG B 247 4.87 33.04 -30.19
C ARG B 247 4.85 31.97 -31.28
N VAL B 248 4.34 32.34 -32.45
CA VAL B 248 4.17 31.39 -33.58
C VAL B 248 4.72 32.01 -34.86
N PHE B 249 4.63 31.23 -35.94
CA PHE B 249 4.93 31.61 -37.34
C PHE B 249 3.79 31.01 -38.16
N LYS B 250 3.09 31.85 -38.92
CA LYS B 250 1.85 31.42 -39.62
C LYS B 250 1.46 32.42 -40.72
N GLU B 263 1.39 26.52 -39.78
CA GLU B 263 1.68 27.55 -38.74
C GLU B 263 2.52 26.90 -37.64
N VAL B 264 3.75 27.37 -37.47
CA VAL B 264 4.71 26.71 -36.53
C VAL B 264 4.99 27.58 -35.31
N SER B 265 5.06 26.95 -34.15
CA SER B 265 5.35 27.58 -32.84
C SER B 265 6.86 27.76 -32.70
N PHE B 266 7.27 28.90 -32.16
CA PHE B 266 8.68 29.27 -31.85
C PHE B 266 9.43 28.14 -31.13
N GLU B 267 8.86 27.67 -30.03
CA GLU B 267 9.44 26.59 -29.18
C GLU B 267 9.76 25.37 -30.05
N GLU B 268 8.84 25.04 -30.93
CA GLU B 268 8.98 23.88 -31.83
C GLU B 268 10.11 24.13 -32.81
N LEU B 269 10.22 25.34 -33.34
CA LEU B 269 11.30 25.73 -34.29
C LEU B 269 12.65 25.54 -33.59
N ARG B 270 12.76 26.08 -32.39
CA ARG B 270 13.96 26.02 -31.50
C ARG B 270 14.30 24.55 -31.27
N THR B 271 13.37 23.78 -30.70
CA THR B 271 13.60 22.37 -30.29
C THR B 271 14.01 21.57 -31.52
N PHE B 272 13.41 21.85 -32.67
CA PHE B 272 13.83 21.19 -33.92
C PHE B 272 15.22 21.69 -34.34
N GLY B 273 15.42 23.00 -34.33
CA GLY B 273 16.73 23.56 -34.70
C GLY B 273 17.06 23.41 -36.17
N GLY B 274 18.34 23.45 -36.51
CA GLY B 274 18.87 23.18 -37.86
C GLY B 274 18.33 24.12 -38.93
N HIS B 275 17.90 23.56 -40.06
CA HIS B 275 17.30 24.29 -41.21
C HIS B 275 16.30 25.32 -40.69
N ASP B 276 15.44 24.89 -39.78
CA ASP B 276 14.34 25.69 -39.18
C ASP B 276 14.91 26.89 -38.43
N ALA B 277 15.78 26.62 -37.44
CA ALA B 277 16.15 27.55 -36.35
C ALA B 277 16.54 28.92 -36.88
N LYS B 278 16.83 29.06 -38.18
CA LYS B 278 17.03 30.37 -38.86
C LYS B 278 15.78 31.26 -38.68
N PHE B 279 14.59 30.69 -38.77
CA PHE B 279 13.30 31.43 -38.71
C PHE B 279 13.22 32.11 -37.34
N ILE B 280 13.87 31.49 -36.35
CA ILE B 280 14.33 32.17 -35.10
C ILE B 280 15.53 33.00 -35.53
N ASP B 281 15.39 34.28 -35.76
CA ASP B 281 16.61 35.10 -35.97
C ASP B 281 16.78 35.94 -34.71
N SER B 282 18.03 36.04 -34.23
CA SER B 282 18.50 36.77 -33.01
C SER B 282 17.80 38.13 -32.82
N LEU B 283 16.96 38.53 -33.77
CA LEU B 283 15.89 39.54 -33.58
C LEU B 283 15.18 39.21 -32.28
N GLN B 284 14.31 38.19 -32.35
CA GLN B 284 13.29 37.78 -31.36
C GLN B 284 13.96 37.11 -30.16
N GLU B 285 14.93 36.21 -30.40
CA GLU B 285 15.65 35.38 -29.38
C GLU B 285 16.48 36.29 -28.44
N ASN B 286 17.14 37.34 -28.96
CA ASN B 286 18.04 38.19 -28.13
C ASN B 286 17.22 38.85 -27.01
N GLU B 287 15.96 39.20 -27.29
CA GLU B 287 14.98 39.72 -26.31
C GLU B 287 14.56 38.60 -25.34
N PHE B 288 14.54 37.34 -25.80
CA PHE B 288 14.21 36.15 -24.99
C PHE B 288 15.31 35.87 -23.97
N ARG B 289 16.58 36.03 -24.32
CA ARG B 289 17.68 35.68 -23.39
C ARG B 289 17.71 36.63 -22.19
N LEU B 290 17.62 37.93 -22.41
CA LEU B 290 17.62 38.89 -21.26
C LEU B 290 16.46 38.49 -20.33
N TYR B 291 15.27 38.24 -20.90
CA TYR B 291 14.05 38.00 -20.09
C TYR B 291 14.33 36.82 -19.16
N TYR B 292 15.03 35.79 -19.65
CA TYR B 292 15.33 34.55 -18.90
C TYR B 292 16.55 34.81 -17.99
N TYR B 293 17.52 35.60 -18.44
CA TYR B 293 18.69 36.00 -17.62
C TYR B 293 18.19 36.68 -16.33
N ASN B 294 17.14 37.46 -16.46
CA ASN B 294 16.64 38.33 -15.37
C ASN B 294 15.61 37.56 -14.55
N LYS B 295 15.03 36.47 -15.06
CA LYS B 295 14.10 35.65 -14.21
C LYS B 295 14.91 34.65 -13.39
N PHE B 296 16.19 34.50 -13.74
CA PHE B 296 17.22 33.76 -12.96
C PHE B 296 17.65 34.64 -11.78
N LYS B 297 17.87 35.93 -12.03
CA LYS B 297 18.34 36.90 -11.00
C LYS B 297 17.28 36.97 -9.91
N ASP B 298 16.00 36.92 -10.30
CA ASP B 298 14.87 36.88 -9.34
C ASP B 298 14.97 35.61 -8.49
N ILE B 299 15.35 34.47 -9.06
CA ILE B 299 15.43 33.19 -8.29
C ILE B 299 16.59 33.32 -7.31
N ALA B 300 17.78 33.68 -7.79
CA ALA B 300 18.99 33.84 -6.95
C ALA B 300 18.67 34.86 -5.84
N SER B 301 17.91 35.91 -6.17
CA SER B 301 17.39 36.88 -5.20
C SER B 301 16.47 36.15 -4.21
N THR B 302 15.53 35.36 -4.70
CA THR B 302 14.53 34.63 -3.87
C THR B 302 15.26 33.80 -2.81
N LEU B 303 16.36 33.16 -3.20
CA LEU B 303 17.15 32.25 -2.32
C LEU B 303 17.80 33.05 -1.19
N ASN B 304 18.34 34.22 -1.49
CA ASN B 304 19.09 35.03 -0.51
C ASN B 304 18.13 35.51 0.57
N LYS B 305 17.05 36.17 0.18
CA LYS B 305 16.10 36.72 1.16
C LYS B 305 15.47 35.56 1.92
N ALA B 306 15.60 34.34 1.40
CA ALA B 306 15.02 33.15 2.05
C ALA B 306 15.78 32.90 3.34
N LYS B 307 15.05 32.69 4.42
CA LYS B 307 15.58 32.39 5.77
C LYS B 307 14.86 31.16 6.33
N SER B 308 13.89 30.61 5.60
CA SER B 308 13.08 29.44 6.06
C SER B 308 12.89 28.36 4.98
N ILE B 309 12.43 27.20 5.42
CA ILE B 309 12.16 26.03 4.55
C ILE B 309 11.07 25.18 5.22
N VAL B 310 10.31 24.46 4.42
CA VAL B 310 9.15 23.66 4.89
C VAL B 310 9.48 22.19 4.70
N GLY B 311 9.10 21.39 5.70
CA GLY B 311 9.15 19.92 5.68
C GLY B 311 10.49 19.33 6.05
N ALA B 314 14.74 18.49 3.71
CA ALA B 314 16.15 18.90 3.50
C ALA B 314 16.46 20.22 4.20
N SER B 315 17.76 20.43 4.47
CA SER B 315 18.34 21.74 4.84
C SER B 315 17.86 22.82 3.85
N LEU B 316 17.59 24.01 4.36
CA LEU B 316 17.56 25.26 3.57
C LEU B 316 18.91 25.41 2.90
N GLN B 317 19.99 25.01 3.58
CA GLN B 317 21.35 25.07 3.01
C GLN B 317 21.49 24.03 1.88
N TYR B 318 21.23 22.75 2.15
CA TYR B 318 21.25 21.65 1.13
C TYR B 318 20.53 22.14 -0.13
N MET B 319 19.33 22.65 0.05
CA MET B 319 18.43 23.03 -1.06
C MET B 319 18.91 24.32 -1.73
N LYS B 320 19.46 25.24 -0.98
CA LYS B 320 19.98 26.51 -1.54
C LYS B 320 21.09 26.21 -2.55
N ASN B 321 22.01 25.29 -2.27
CA ASN B 321 23.13 25.04 -3.21
C ASN B 321 22.63 24.03 -4.26
N VAL B 322 21.49 23.36 -4.04
CA VAL B 322 20.87 22.47 -5.08
C VAL B 322 20.45 23.37 -6.26
N PHE B 323 19.85 24.50 -5.97
CA PHE B 323 19.38 25.46 -6.99
C PHE B 323 20.55 26.31 -7.46
N LYS B 324 21.55 26.45 -6.61
CA LYS B 324 22.84 27.09 -6.97
C LYS B 324 23.49 26.16 -7.99
N GLU B 325 23.43 24.87 -7.71
CA GLU B 325 23.92 23.81 -8.63
C GLU B 325 23.05 23.87 -9.91
N LYS B 326 21.75 24.04 -9.77
CA LYS B 326 20.84 23.99 -10.95
C LYS B 326 21.12 25.17 -11.88
N TYR B 327 21.13 26.37 -11.32
CA TYR B 327 21.17 27.62 -12.13
C TYR B 327 22.61 28.17 -12.24
N LEU B 328 23.59 27.40 -11.77
CA LEU B 328 25.02 27.73 -11.96
C LEU B 328 25.31 29.12 -11.38
N LEU B 329 24.97 29.34 -10.13
CA LEU B 329 25.15 30.67 -9.50
C LEU B 329 26.58 30.78 -8.95
N SER B 330 27.06 32.02 -8.82
CA SER B 330 28.38 32.39 -8.28
C SER B 330 28.22 32.73 -6.79
N GLU B 331 29.31 32.72 -6.01
CA GLU B 331 29.22 32.96 -4.54
C GLU B 331 30.36 33.86 -4.04
N ASP B 332 30.00 35.05 -3.54
CA ASP B 332 30.78 35.88 -2.58
C ASP B 332 30.73 35.18 -1.23
N THR B 333 31.61 35.54 -0.30
CA THR B 333 31.83 34.78 0.96
C THR B 333 30.72 35.03 1.98
N SER B 334 29.99 36.13 1.85
CA SER B 334 28.74 36.37 2.62
C SER B 334 27.75 35.19 2.39
N GLY B 335 27.56 34.80 1.14
CA GLY B 335 26.59 33.76 0.73
C GLY B 335 25.62 34.26 -0.33
N LYS B 336 25.44 35.58 -0.41
CA LYS B 336 24.57 36.22 -1.44
C LYS B 336 24.86 35.64 -2.82
N PHE B 337 23.79 35.31 -3.55
CA PHE B 337 23.79 34.60 -4.84
C PHE B 337 23.64 35.60 -6.00
N SER B 338 24.51 35.42 -6.99
CA SER B 338 24.54 36.12 -8.30
C SER B 338 24.57 35.08 -9.40
N VAL B 339 24.11 35.46 -10.59
CA VAL B 339 24.22 34.60 -11.81
C VAL B 339 25.37 35.12 -12.67
N ASP B 340 26.48 34.37 -12.67
CA ASP B 340 27.59 34.51 -13.65
C ASP B 340 26.97 34.42 -15.03
N LYS B 341 26.90 35.52 -15.79
CA LYS B 341 26.27 35.50 -17.13
C LYS B 341 27.06 34.56 -18.06
N LEU B 342 28.39 34.53 -18.00
CA LEU B 342 29.12 33.62 -18.92
C LEU B 342 28.71 32.16 -18.67
N LYS B 343 28.43 31.76 -17.43
CA LYS B 343 27.95 30.38 -17.09
C LYS B 343 26.46 30.21 -17.49
N PHE B 344 25.64 31.23 -17.27
CA PHE B 344 24.26 31.34 -17.81
C PHE B 344 24.30 31.24 -19.31
N ASP B 345 25.20 32.00 -19.92
CA ASP B 345 25.35 32.05 -21.40
C ASP B 345 25.51 30.62 -21.93
N LYS B 346 26.41 29.83 -21.37
CA LYS B 346 26.68 28.44 -21.82
C LYS B 346 25.46 27.56 -21.54
N LEU B 347 24.72 27.87 -20.49
CA LEU B 347 23.52 27.07 -20.07
C LEU B 347 22.34 27.30 -21.03
N TYR B 348 21.95 28.57 -21.23
CA TYR B 348 20.83 28.95 -22.13
C TYR B 348 21.07 28.37 -23.52
N LYS B 349 22.30 28.16 -23.92
CA LYS B 349 22.56 27.85 -25.32
C LYS B 349 22.48 26.34 -25.50
N MET B 350 22.89 25.61 -24.48
CA MET B 350 22.89 24.13 -24.51
C MET B 350 21.42 23.76 -24.57
N LEU B 351 20.64 24.44 -23.75
CA LEU B 351 19.20 24.15 -23.60
C LEU B 351 18.43 24.53 -24.86
N THR B 352 18.69 25.70 -25.43
CA THR B 352 17.88 26.29 -26.52
C THR B 352 18.48 26.02 -27.90
N GLU B 353 19.80 25.96 -28.09
CA GLU B 353 20.35 25.89 -29.48
C GLU B 353 21.32 24.72 -29.73
N ILE B 354 21.78 24.02 -28.70
CA ILE B 354 22.59 22.78 -28.89
C ILE B 354 21.66 21.57 -28.81
N TYR B 355 20.92 21.47 -27.71
CA TYR B 355 19.87 20.46 -27.49
C TYR B 355 18.77 20.83 -28.47
N THR B 356 18.80 20.18 -29.63
CA THR B 356 17.89 20.39 -30.77
C THR B 356 17.63 19.04 -31.38
N GLU B 357 16.50 18.90 -32.05
CA GLU B 357 16.18 17.63 -32.75
C GLU B 357 17.23 17.37 -33.82
N ASP B 358 17.61 18.41 -34.56
CA ASP B 358 18.53 18.33 -35.74
C ASP B 358 19.89 17.78 -35.32
N ASN B 359 20.54 18.32 -34.29
CA ASN B 359 21.88 17.87 -33.84
C ASN B 359 21.80 16.42 -33.34
N PHE B 360 20.64 15.98 -32.87
CA PHE B 360 20.43 14.58 -32.42
C PHE B 360 20.35 13.67 -33.66
N VAL B 361 19.79 14.17 -34.76
CA VAL B 361 19.79 13.40 -36.05
C VAL B 361 21.24 13.10 -36.40
N LYS B 362 22.11 14.08 -36.20
CA LYS B 362 23.46 14.04 -36.76
C LYS B 362 24.38 13.29 -35.78
N PHE B 363 23.97 13.16 -34.52
CA PHE B 363 24.66 12.28 -33.53
C PHE B 363 24.31 10.81 -33.78
N PHE B 364 23.01 10.50 -33.88
CA PHE B 364 22.49 9.12 -34.08
C PHE B 364 22.92 8.58 -35.45
N LYS B 365 23.30 9.48 -36.36
CA LYS B 365 23.68 9.13 -37.75
C LYS B 365 22.53 8.31 -38.34
N VAL B 366 21.33 8.86 -38.24
CA VAL B 366 20.05 8.29 -38.69
C VAL B 366 19.49 9.23 -39.76
N LEU B 367 18.49 8.76 -40.52
CA LEU B 367 17.77 9.54 -41.53
C LEU B 367 16.52 10.15 -40.90
N ASN B 368 16.42 11.47 -40.93
CA ASN B 368 15.30 12.22 -40.34
C ASN B 368 14.78 13.23 -41.36
N ARG B 369 13.66 13.86 -41.02
CA ARG B 369 13.15 15.03 -41.74
C ARG B 369 14.22 16.12 -41.65
N LYS B 370 14.31 16.92 -42.71
CA LYS B 370 15.20 18.10 -42.79
C LYS B 370 14.47 19.33 -42.26
N THR B 371 13.19 19.21 -41.87
CA THR B 371 12.36 20.29 -41.25
C THR B 371 11.13 19.76 -40.49
N TYR B 372 10.72 20.47 -39.43
CA TYR B 372 9.53 20.16 -38.57
C TYR B 372 8.20 20.36 -39.31
N LEU B 373 8.22 20.97 -40.50
CA LEU B 373 6.99 21.30 -41.27
C LEU B 373 6.31 20.07 -41.87
N ASN B 374 6.65 19.73 -43.11
CA ASN B 374 6.02 18.61 -43.85
C ASN B 374 5.90 17.34 -43.00
N PHE B 375 4.68 16.96 -42.63
CA PHE B 375 4.42 15.74 -41.83
C PHE B 375 3.24 15.01 -42.49
N ASP B 376 3.40 13.74 -42.88
CA ASP B 376 2.30 13.07 -43.63
C ASP B 376 2.03 11.63 -43.18
N LYS B 377 0.97 11.07 -43.78
CA LYS B 377 0.29 9.74 -43.61
C LYS B 377 0.93 8.76 -42.62
N ALA B 378 1.60 7.74 -43.14
CA ALA B 378 2.25 6.57 -42.50
C ALA B 378 2.46 6.59 -40.98
N VAL B 379 1.92 5.55 -40.32
CA VAL B 379 2.09 5.22 -38.86
C VAL B 379 2.43 3.73 -38.83
N PHE B 380 3.57 3.37 -38.24
CA PHE B 380 4.12 1.99 -38.24
C PHE B 380 4.15 1.40 -36.83
N LYS B 381 3.58 0.22 -36.68
CA LYS B 381 3.70 -0.58 -35.45
C LYS B 381 5.04 -1.28 -35.48
N ILE B 382 5.86 -1.03 -34.47
CA ILE B 382 7.27 -1.53 -34.38
C ILE B 382 7.45 -2.26 -33.04
N ASN B 383 8.63 -2.83 -32.89
CA ASN B 383 9.07 -3.58 -31.69
C ASN B 383 10.57 -3.38 -31.55
N ILE B 384 10.97 -2.35 -30.81
CA ILE B 384 12.37 -1.86 -30.69
C ILE B 384 13.08 -2.57 -29.54
N VAL B 385 12.44 -3.55 -28.93
CA VAL B 385 13.01 -4.26 -27.74
C VAL B 385 13.98 -5.35 -28.19
N PRO B 386 13.59 -6.30 -29.07
CA PRO B 386 14.49 -7.40 -29.44
C PRO B 386 15.70 -6.81 -30.16
N LYS B 387 16.90 -7.10 -29.68
CA LYS B 387 18.18 -6.54 -30.22
C LYS B 387 18.34 -6.94 -31.70
N VAL B 388 17.65 -7.99 -32.14
CA VAL B 388 17.56 -8.42 -33.57
C VAL B 388 16.66 -7.48 -34.39
N ASN B 389 15.88 -6.62 -33.73
CA ASN B 389 15.00 -5.57 -34.34
C ASN B 389 15.60 -4.16 -34.21
N TYR B 390 16.25 -3.84 -33.09
CA TYR B 390 16.71 -2.46 -32.78
C TYR B 390 17.83 -2.47 -31.72
N THR B 391 18.82 -1.60 -31.85
CA THR B 391 19.92 -1.46 -30.88
C THR B 391 20.13 -0.01 -30.45
N ILE B 392 20.96 0.15 -29.43
CA ILE B 392 21.36 1.43 -28.82
C ILE B 392 22.33 2.22 -29.72
N TYR B 393 23.20 1.58 -30.49
CA TYR B 393 24.28 2.26 -31.27
C TYR B 393 23.85 2.51 -32.72
N ASP B 394 22.95 1.69 -33.25
CA ASP B 394 22.59 1.71 -34.67
C ASP B 394 21.07 1.80 -34.87
N GLY B 395 20.31 1.69 -33.80
CA GLY B 395 18.84 1.68 -33.91
C GLY B 395 18.37 0.62 -34.88
N PHE B 396 17.60 1.03 -35.89
CA PHE B 396 17.12 0.14 -36.98
C PHE B 396 18.30 -0.15 -37.91
N ASN B 397 19.23 0.80 -38.00
CA ASN B 397 20.33 0.81 -38.99
C ASN B 397 21.45 -0.12 -38.52
N LEU B 398 21.11 -1.38 -38.26
CA LEU B 398 22.02 -2.36 -37.62
C LEU B 398 23.25 -2.47 -38.50
N ARG B 399 24.45 -2.27 -37.94
CA ARG B 399 25.73 -2.59 -38.63
C ARG B 399 25.64 -4.05 -39.13
N ASN B 400 26.38 -4.37 -40.20
CA ASN B 400 26.57 -5.75 -40.73
C ASN B 400 25.29 -6.24 -41.42
N THR B 401 24.61 -5.43 -42.22
CA THR B 401 23.42 -5.91 -42.95
C THR B 401 23.14 -5.00 -44.16
N ASN B 402 22.15 -5.38 -44.97
CA ASN B 402 21.57 -4.51 -46.03
C ASN B 402 21.00 -3.25 -45.37
N LEU B 403 20.64 -3.38 -44.08
CA LEU B 403 20.01 -2.35 -43.20
C LEU B 403 21.04 -1.28 -42.83
N ALA B 404 22.31 -1.60 -42.98
CA ALA B 404 23.46 -0.77 -42.59
C ALA B 404 23.64 0.43 -43.55
N ALA B 405 23.33 0.25 -44.85
CA ALA B 405 23.67 1.21 -45.93
C ALA B 405 22.51 2.19 -46.22
N ASN B 406 22.84 3.48 -46.23
CA ASN B 406 21.96 4.66 -46.40
C ASN B 406 20.58 4.40 -45.79
N PHE B 407 20.58 4.03 -44.51
CA PHE B 407 19.36 4.01 -43.65
C PHE B 407 18.31 3.02 -44.19
N ASN B 408 18.73 1.86 -44.73
CA ASN B 408 17.83 0.78 -45.25
C ASN B 408 17.13 0.18 -44.04
N GLY B 409 17.71 0.37 -42.85
CA GLY B 409 17.06 0.04 -41.57
C GLY B 409 15.78 0.83 -41.42
N GLN B 410 15.83 2.09 -41.87
CA GLN B 410 14.74 3.07 -41.70
C GLN B 410 13.79 2.95 -42.90
N ASN B 411 14.17 2.22 -43.92
CA ASN B 411 13.37 2.02 -45.16
C ASN B 411 12.21 1.06 -44.84
N THR B 412 10.97 1.55 -44.83
CA THR B 412 9.78 0.75 -44.45
C THR B 412 9.43 -0.32 -45.51
N GLU B 413 10.01 -0.27 -46.72
CA GLU B 413 9.67 -1.19 -47.83
C GLU B 413 10.72 -2.31 -47.87
N ILE B 414 11.95 -2.04 -47.41
CA ILE B 414 13.06 -3.05 -47.33
C ILE B 414 12.87 -3.90 -46.06
N ASN B 415 12.66 -3.25 -44.90
CA ASN B 415 12.68 -3.83 -43.53
C ASN B 415 11.26 -4.15 -43.04
N ASN B 416 10.32 -4.47 -43.94
CA ASN B 416 8.86 -4.70 -43.70
C ASN B 416 8.61 -5.52 -42.42
N MET B 417 9.52 -6.44 -42.07
CA MET B 417 9.44 -7.22 -40.82
C MET B 417 9.26 -6.25 -39.63
N ASN B 418 9.84 -5.06 -39.70
CA ASN B 418 10.04 -4.10 -38.58
C ASN B 418 9.15 -2.86 -38.71
N PHE B 419 8.25 -2.84 -39.68
CA PHE B 419 7.26 -1.76 -39.89
C PHE B 419 5.99 -2.33 -40.51
N THR B 420 4.95 -2.39 -39.68
CA THR B 420 3.59 -2.76 -40.09
C THR B 420 2.82 -1.47 -40.31
N LYS B 421 2.64 -1.04 -41.56
CA LYS B 421 1.81 0.13 -41.90
C LYS B 421 0.39 -0.09 -41.36
N LEU B 422 -0.23 1.03 -40.95
CA LEU B 422 -1.57 1.12 -40.36
C LEU B 422 -2.21 2.40 -40.89
N LYS B 423 -3.52 2.51 -40.75
CA LYS B 423 -4.30 3.65 -41.31
C LYS B 423 -4.92 4.47 -40.18
N ASN B 424 -5.12 5.75 -40.45
CA ASN B 424 -5.73 6.78 -39.58
C ASN B 424 -7.07 6.28 -39.02
ZN ZN C . -15.15 -11.95 31.12
ZN ZN D . 7.83 19.69 -30.32
#